data_4JFX
#
_entry.id   4JFX
#
_cell.length_a   152.854
_cell.length_b   152.854
_cell.length_c   85.294
_cell.angle_alpha   90.00
_cell.angle_beta   90.00
_cell.angle_gamma   120.00
#
_symmetry.space_group_name_H-M   'P 32 2 1'
#
loop_
_entity.id
_entity.type
_entity.pdbx_description
1 polymer 'Fab light chain'
2 polymer 'Fab heavy chain'
3 polymer Phosphopeptide
4 non-polymer 'TETRAETHYLENE GLYCOL'
5 water water
#
loop_
_entity_poly.entity_id
_entity_poly.type
_entity_poly.pdbx_seq_one_letter_code
_entity_poly.pdbx_strand_id
1 'polypeptide(L)'
;DIVLTQSPATLSLSPGERATLSCMTSTDIDDDMNWYQQKPGQAPRLLISEGNTLRPGVPARFSGSGSGTDFTLTISSLEP
EDFAVYYCLQSFNVPLTFGQGTKVEIKRTVAAPSVFIFPPSDSQLKSGTASVVCLLNNFYPREAKVQWKVDNALQSGNSQ
ESVTEQDSKDSTYSLSSTLTLSKADYEKHKVYACEVTHQGLSSPVTKSFNRGEC
;
A,L
2 'polypeptide(L)'
;EISEVQLVESGGGLVQPGGSLRLSCVTSGFTFRKFGMSWVRQAPGKGLEWVASIVTGGRKTYYSDSVKGRFTISRDNSKN
TLYLQMNSLRAEDTAVYYCTRGYSSTSYAMDYWGQGTLVTVSSASTKGPSVFPLAPSSKSTSGGTAALGCLVKDYFPEPV
TVSWNSGALTSGVHTFPAVLQSSGLYSLSSVVTVPSSSLGTQTYICNVNHKPSNTKVDKKVEPKSCDKSHTATGA
;
B,H
3 'polypeptide(L)' GEKKGNYVVT(PTR)A P
#
loop_
_chem_comp.id
_chem_comp.type
_chem_comp.name
_chem_comp.formula
PG4 non-polymer 'TETRAETHYLENE GLYCOL' 'C8 H18 O5'
#
# COMPACT_ATOMS: atom_id res chain seq x y z
N ASP A 1 35.97 -6.76 10.77
CA ASP A 1 35.31 -5.70 10.01
C ASP A 1 36.02 -4.37 10.20
N ILE A 2 36.06 -3.55 9.15
CA ILE A 2 36.77 -2.31 9.23
C ILE A 2 35.89 -1.25 9.90
N VAL A 3 36.39 -0.65 10.97
CA VAL A 3 35.60 0.30 11.72
C VAL A 3 35.90 1.74 11.33
N LEU A 4 34.84 2.51 11.05
CA LEU A 4 34.97 3.91 10.68
C LEU A 4 34.43 4.77 11.81
N THR A 5 35.25 5.67 12.32
CA THR A 5 34.86 6.49 13.45
C THR A 5 34.84 7.96 13.03
N GLN A 6 33.64 8.53 12.98
CA GLN A 6 33.49 9.94 12.60
C GLN A 6 33.61 10.90 13.79
N SER A 7 34.04 12.13 13.50
CA SER A 7 34.09 13.17 14.50
C SER A 7 33.89 14.54 13.83
N PRO A 8 33.21 15.47 14.52
CA PRO A 8 32.56 15.25 15.82
C PRO A 8 31.17 14.66 15.60
N ALA A 9 30.40 14.42 16.66
CA ALA A 9 29.06 13.89 16.48
C ALA A 9 28.16 14.93 15.81
N THR A 10 28.25 16.14 16.31
CA THR A 10 27.50 17.29 15.82
C THR A 10 28.50 18.42 15.71
N LEU A 11 28.37 19.22 14.67
CA LEU A 11 29.17 20.39 14.46
C LEU A 11 28.23 21.56 14.21
N SER A 12 28.24 22.53 15.13
CA SER A 12 27.34 23.69 15.03
C SER A 12 28.03 24.93 14.51
N LEU A 13 27.65 25.35 13.30
CA LEU A 13 28.33 26.46 12.64
C LEU A 13 27.34 27.38 11.90
N SER A 14 27.80 28.56 11.53
CA SER A 14 26.99 29.52 10.82
C SER A 14 27.25 29.39 9.31
N PRO A 15 26.27 29.79 8.49
CA PRO A 15 26.52 29.85 7.04
C PRO A 15 27.70 30.77 6.78
N GLY A 16 28.50 30.48 5.76
CA GLY A 16 29.71 31.24 5.51
C GLY A 16 30.96 30.72 6.21
N GLU A 17 30.83 29.86 7.21
CA GLU A 17 32.00 29.34 7.94
C GLU A 17 32.54 28.03 7.34
N ARG A 18 33.81 27.72 7.61
CA ARG A 18 34.42 26.49 7.11
C ARG A 18 34.05 25.35 8.03
N ALA A 19 33.81 24.16 7.46
CA ALA A 19 33.52 22.99 8.26
C ALA A 19 34.51 21.88 7.92
N THR A 20 35.10 21.27 8.94
CA THR A 20 36.03 20.15 8.71
C THR A 20 35.52 18.94 9.46
N LEU A 21 35.21 17.87 8.72
CA LEU A 21 34.68 16.63 9.30
C LEU A 21 35.73 15.54 9.18
N SER A 22 35.79 14.66 10.17
CA SER A 22 36.86 13.69 10.27
C SER A 22 36.33 12.24 10.20
N CYS A 23 37.08 11.37 9.54
CA CYS A 23 36.74 9.94 9.55
C CYS A 23 38.01 9.16 9.72
N MET A 24 38.12 8.41 10.83
CA MET A 24 39.28 7.56 11.04
C MET A 24 38.92 6.10 10.80
N THR A 25 39.81 5.34 10.18
CA THR A 25 39.55 3.91 9.97
C THR A 25 40.43 3.04 10.88
N SER A 26 39.95 1.85 11.20
CA SER A 26 40.66 0.95 12.10
C SER A 26 41.85 0.27 11.43
N THR A 27 41.89 0.31 10.11
CA THR A 27 43.01 -0.28 9.36
C THR A 27 43.07 0.40 7.99
N ASP A 28 44.17 0.21 7.27
CA ASP A 28 44.32 0.83 5.96
C ASP A 28 43.23 0.38 5.00
N ILE A 29 42.74 1.30 4.16
CA ILE A 29 41.69 0.96 3.21
C ILE A 29 42.05 1.33 1.77
N ASP A 30 43.34 1.41 1.48
CA ASP A 30 43.85 1.76 0.15
C ASP A 30 43.23 3.07 -0.40
N ASP A 31 42.97 4.01 0.51
CA ASP A 31 42.33 5.28 0.17
C ASP A 31 40.97 5.12 -0.52
N ASP A 32 40.27 4.02 -0.23
CA ASP A 32 38.94 3.83 -0.82
C ASP A 32 37.90 4.47 0.09
N MET A 33 38.05 5.77 0.29
CA MET A 33 37.14 6.53 1.16
C MET A 33 36.08 7.29 0.33
N ASN A 34 34.84 7.20 0.77
CA ASN A 34 33.73 7.87 0.09
C ASN A 34 32.92 8.65 1.12
N TRP A 35 32.40 9.81 0.71
CA TRP A 35 31.57 10.65 1.58
C TRP A 35 30.19 10.90 0.99
N TYR A 36 29.18 10.85 1.86
CA TYR A 36 27.77 11.03 1.49
C TYR A 36 27.15 12.13 2.33
N GLN A 37 26.24 12.87 1.69
CA GLN A 37 25.37 13.81 2.38
C GLN A 37 23.96 13.22 2.45
N GLN A 38 23.29 13.37 3.58
CA GLN A 38 21.88 12.99 3.66
C GLN A 38 21.05 14.00 4.45
N LYS A 39 19.96 14.42 3.85
CA LYS A 39 18.96 15.26 4.52
C LYS A 39 17.75 14.44 4.93
N PRO A 40 16.97 14.94 5.92
CA PRO A 40 15.83 14.18 6.44
C PRO A 40 14.85 13.76 5.34
N GLY A 41 14.44 12.49 5.42
CA GLY A 41 13.52 11.93 4.44
C GLY A 41 14.03 11.76 3.02
N GLN A 42 15.34 11.90 2.78
CA GLN A 42 15.89 11.75 1.44
C GLN A 42 16.97 10.68 1.41
N ALA A 43 17.25 10.15 0.21
CA ALA A 43 18.39 9.24 0.00
C ALA A 43 19.71 10.00 0.12
N PRO A 44 20.77 9.31 0.55
CA PRO A 44 22.11 9.89 0.60
C PRO A 44 22.56 10.30 -0.80
N ARG A 45 23.46 11.27 -0.88
CA ARG A 45 24.03 11.70 -2.15
C ARG A 45 25.55 11.61 -2.08
N LEU A 46 26.16 11.01 -3.09
CA LEU A 46 27.61 10.86 -3.12
C LEU A 46 28.28 12.20 -3.34
N LEU A 47 29.27 12.51 -2.50
CA LEU A 47 30.03 13.75 -2.65
C LEU A 47 31.46 13.52 -3.13
N ILE A 48 32.16 12.60 -2.47
CA ILE A 48 33.58 12.32 -2.72
C ILE A 48 33.73 10.81 -2.93
N SER A 49 34.46 10.41 -3.97
CA SER A 49 34.69 9.00 -4.23
CA SER A 49 34.71 9.00 -4.26
C SER A 49 36.14 8.58 -3.96
N GLU A 50 36.40 7.27 -4.01
CA GLU A 50 37.73 6.69 -3.80
C GLU A 50 38.82 7.53 -4.43
N GLY A 51 39.93 7.70 -3.72
CA GLY A 51 41.02 8.52 -4.21
C GLY A 51 40.74 9.99 -4.00
N ASN A 52 39.86 10.30 -3.05
CA ASN A 52 39.56 11.69 -2.69
C ASN A 52 39.19 12.59 -3.87
N THR A 53 38.32 12.10 -4.76
CA THR A 53 37.91 12.90 -5.89
C THR A 53 36.50 13.44 -5.74
N LEU A 54 36.35 14.74 -5.97
CA LEU A 54 35.04 15.36 -5.91
C LEU A 54 34.20 14.85 -7.08
N ARG A 55 33.00 14.35 -6.80
CA ARG A 55 32.09 13.91 -7.85
C ARG A 55 31.68 15.07 -8.74
N PRO A 56 31.71 14.87 -10.06
CA PRO A 56 31.34 15.98 -10.96
C PRO A 56 29.91 16.43 -10.64
N GLY A 57 29.64 17.72 -10.75
CA GLY A 57 28.29 18.21 -10.44
C GLY A 57 28.13 18.66 -9.00
N VAL A 58 28.95 18.12 -8.10
CA VAL A 58 28.92 18.52 -6.69
C VAL A 58 29.66 19.86 -6.52
N PRO A 59 29.10 20.79 -5.73
CA PRO A 59 29.71 22.13 -5.60
C PRO A 59 31.18 22.09 -5.17
N ALA A 60 31.95 23.06 -5.65
CA ALA A 60 33.40 23.06 -5.52
C ALA A 60 33.89 23.32 -4.11
N ARG A 61 33.01 23.83 -3.24
CA ARG A 61 33.33 24.04 -1.82
C ARG A 61 33.53 22.75 -1.02
N PHE A 62 33.07 21.62 -1.56
CA PHE A 62 33.31 20.32 -0.93
C PHE A 62 34.64 19.72 -1.37
N SER A 63 35.40 19.19 -0.42
CA SER A 63 36.60 18.45 -0.82
C SER A 63 37.00 17.36 0.16
N GLY A 64 37.66 16.32 -0.36
CA GLY A 64 38.13 15.23 0.49
C GLY A 64 39.65 15.18 0.51
N SER A 65 40.22 14.85 1.66
CA SER A 65 41.65 14.72 1.76
C SER A 65 41.97 13.62 2.77
N GLY A 66 43.27 13.32 2.90
CA GLY A 66 43.73 12.30 3.82
C GLY A 66 44.16 11.01 3.15
N SER A 67 44.84 10.16 3.92
CA SER A 67 45.28 8.86 3.44
CA SER A 67 45.30 8.86 3.44
C SER A 67 45.54 7.96 4.64
N GLY A 68 45.87 6.70 4.39
CA GLY A 68 46.11 5.76 5.48
C GLY A 68 44.83 5.47 6.26
N THR A 69 44.76 5.96 7.49
CA THR A 69 43.59 5.71 8.34
C THR A 69 42.87 7.00 8.69
N ASP A 70 43.32 8.12 8.12
CA ASP A 70 42.89 9.44 8.59
C ASP A 70 42.34 10.29 7.43
N PHE A 71 41.02 10.44 7.38
CA PHE A 71 40.42 11.11 6.22
C PHE A 71 39.60 12.32 6.65
N THR A 72 39.45 13.28 5.75
CA THR A 72 38.75 14.51 6.08
C THR A 72 37.82 14.96 4.96
N LEU A 73 36.64 15.47 5.33
CA LEU A 73 35.79 16.19 4.38
C LEU A 73 35.73 17.65 4.81
N THR A 74 36.00 18.56 3.89
CA THR A 74 36.00 19.99 4.20
C THR A 74 34.98 20.72 3.35
N ILE A 75 34.21 21.60 3.96
CA ILE A 75 33.31 22.49 3.22
C ILE A 75 33.86 23.87 3.44
N SER A 76 34.35 24.51 2.38
CA SER A 76 35.17 25.70 2.54
C SER A 76 34.37 26.85 3.13
N SER A 77 33.10 26.93 2.75
CA SER A 77 32.20 27.98 3.20
C SER A 77 30.77 27.47 3.14
N LEU A 78 30.19 27.19 4.31
CA LEU A 78 28.87 26.59 4.40
C LEU A 78 27.76 27.41 3.75
N GLU A 79 26.97 26.77 2.88
CA GLU A 79 25.73 27.36 2.37
C GLU A 79 24.54 26.78 3.15
N PRO A 80 23.37 27.46 3.17
CA PRO A 80 22.20 26.93 3.90
C PRO A 80 21.87 25.47 3.56
N GLU A 81 22.06 25.09 2.29
CA GLU A 81 21.70 23.75 1.86
C GLU A 81 22.70 22.69 2.28
N ASP A 82 23.82 23.12 2.88
CA ASP A 82 24.85 22.18 3.35
C ASP A 82 24.59 21.60 4.74
N PHE A 83 23.62 22.14 5.48
CA PHE A 83 23.36 21.61 6.82
C PHE A 83 22.58 20.32 6.70
N ALA A 84 23.17 19.23 7.21
CA ALA A 84 22.78 17.88 6.87
C ALA A 84 23.59 16.89 7.69
N VAL A 85 23.34 15.62 7.48
CA VAL A 85 24.20 14.57 8.05
C VAL A 85 25.16 14.08 6.98
N TYR A 86 26.40 13.84 7.37
CA TYR A 86 27.43 13.38 6.44
C TYR A 86 27.96 12.04 6.92
N TYR A 87 28.09 11.09 5.99
CA TYR A 87 28.53 9.75 6.34
C TYR A 87 29.75 9.41 5.52
N CYS A 88 30.71 8.71 6.13
CA CYS A 88 31.81 8.15 5.36
C CYS A 88 31.58 6.67 5.11
N LEU A 89 32.20 6.15 4.06
CA LEU A 89 32.04 4.75 3.68
C LEU A 89 33.35 4.22 3.14
N GLN A 90 33.82 3.08 3.65
CA GLN A 90 35.00 2.46 3.05
C GLN A 90 34.51 1.42 2.05
N SER A 91 35.11 1.41 0.86
CA SER A 91 34.72 0.46 -0.18
C SER A 91 35.92 -0.42 -0.55
N PHE A 92 36.88 -0.51 0.37
CA PHE A 92 38.07 -1.34 0.18
C PHE A 92 37.80 -2.84 0.25
N ASN A 93 37.08 -3.29 1.28
CA ASN A 93 36.67 -4.70 1.27
C ASN A 93 35.34 -4.94 1.94
N VAL A 94 34.83 -6.15 1.79
CA VAL A 94 33.58 -6.54 2.45
C VAL A 94 33.91 -7.02 3.86
N PRO A 95 33.01 -6.77 4.82
CA PRO A 95 31.77 -6.02 4.63
C PRO A 95 32.04 -4.53 4.42
N LEU A 96 31.28 -3.90 3.54
CA LEU A 96 31.37 -2.45 3.37
C LEU A 96 30.83 -1.79 4.63
N THR A 97 31.53 -0.79 5.16
CA THR A 97 31.16 -0.24 6.46
C THR A 97 31.12 1.28 6.44
N PHE A 98 30.12 1.84 7.11
CA PHE A 98 29.90 3.27 7.17
C PHE A 98 30.32 3.82 8.53
N GLY A 99 30.73 5.07 8.56
CA GLY A 99 30.90 5.74 9.84
C GLY A 99 29.51 5.99 10.39
N GLN A 100 29.45 6.43 11.64
CA GLN A 100 28.17 6.62 12.33
C GLN A 100 27.49 7.97 12.05
N GLY A 101 28.17 8.83 11.30
CA GLY A 101 27.57 10.10 10.88
C GLY A 101 27.97 11.34 11.68
N THR A 102 28.07 12.47 11.00
CA THR A 102 28.28 13.76 11.66
C THR A 102 27.15 14.70 11.22
N LYS A 103 26.45 15.29 12.18
CA LYS A 103 25.43 16.27 11.85
C LYS A 103 26.00 17.67 11.83
N VAL A 104 25.90 18.33 10.68
CA VAL A 104 26.30 19.71 10.59
C VAL A 104 25.05 20.53 10.78
N GLU A 105 25.06 21.31 11.86
CA GLU A 105 23.86 21.95 12.40
C GLU A 105 23.97 23.47 12.37
N ILE A 106 22.84 24.15 12.26
CA ILE A 106 22.86 25.61 12.12
C ILE A 106 23.01 26.29 13.48
N LYS A 107 24.12 26.98 13.66
CA LYS A 107 24.38 27.75 14.85
C LYS A 107 23.45 28.98 14.88
N ARG A 108 22.79 29.22 15.99
CA ARG A 108 22.08 30.48 16.20
C ARG A 108 22.19 30.85 17.66
N THR A 109 21.59 31.98 18.02
CA THR A 109 21.66 32.46 19.40
C THR A 109 20.83 31.58 20.32
N VAL A 110 21.16 31.60 21.59
CA VAL A 110 20.45 30.77 22.56
C VAL A 110 19.01 31.26 22.66
N ALA A 111 18.09 30.31 22.77
CA ALA A 111 16.67 30.62 22.93
C ALA A 111 16.07 29.65 23.93
N ALA A 112 15.56 30.17 25.04
CA ALA A 112 14.92 29.32 26.04
C ALA A 112 13.60 28.74 25.48
N PRO A 113 13.21 27.54 25.94
CA PRO A 113 11.92 26.98 25.50
C PRO A 113 10.72 27.64 26.17
N SER A 114 9.61 27.80 25.44
CA SER A 114 8.33 28.09 26.06
CA SER A 114 8.34 28.10 26.07
C SER A 114 7.73 26.74 26.40
N VAL A 115 7.38 26.55 27.67
CA VAL A 115 6.94 25.25 28.14
C VAL A 115 5.42 25.24 28.33
N PHE A 116 4.77 24.16 27.90
CA PHE A 116 3.32 23.98 28.00
C PHE A 116 3.04 22.55 28.48
N ILE A 117 2.02 22.37 29.33
CA ILE A 117 1.68 21.00 29.75
C ILE A 117 0.21 20.79 29.43
N PHE A 118 -0.11 19.60 28.93
CA PHE A 118 -1.47 19.27 28.50
C PHE A 118 -1.92 18.03 29.24
N PRO A 119 -3.00 18.15 30.03
CA PRO A 119 -3.52 16.94 30.65
C PRO A 119 -4.12 16.02 29.58
N PRO A 120 -4.34 14.73 29.90
CA PRO A 120 -5.09 13.87 28.96
C PRO A 120 -6.52 14.39 28.72
N SER A 121 -6.99 14.23 27.49
CA SER A 121 -8.35 14.61 27.13
C SER A 121 -9.38 13.63 27.73
N ASP A 122 -10.61 14.11 27.88
CA ASP A 122 -11.71 13.26 28.35
C ASP A 122 -11.89 12.09 27.41
N SER A 123 -11.76 12.35 26.11
CA SER A 123 -11.97 11.29 25.14
CA SER A 123 -11.93 11.33 25.09
C SER A 123 -10.91 10.22 25.29
N GLN A 124 -9.66 10.61 25.56
CA GLN A 124 -8.65 9.57 25.76
C GLN A 124 -8.94 8.78 27.04
N LEU A 125 -9.27 9.48 28.11
CA LEU A 125 -9.59 8.80 29.37
C LEU A 125 -10.72 7.77 29.19
N LYS A 126 -11.69 8.13 28.36
CA LYS A 126 -12.83 7.25 28.10
C LYS A 126 -12.33 5.93 27.51
N SER A 127 -11.26 5.99 26.71
CA SER A 127 -10.73 4.78 26.09
C SER A 127 -9.80 4.03 27.04
N GLY A 128 -9.56 4.59 28.22
CA GLY A 128 -8.87 3.88 29.29
C GLY A 128 -7.37 4.18 29.47
N THR A 129 -6.83 5.12 28.71
CA THR A 129 -5.43 5.53 28.91
C THR A 129 -5.29 7.03 29.15
N ALA A 130 -4.13 7.44 29.67
CA ALA A 130 -3.85 8.84 29.96
C ALA A 130 -2.46 9.19 29.47
N SER A 131 -2.38 10.09 28.51
CA SER A 131 -1.07 10.58 28.09
C SER A 131 -1.00 12.02 28.55
N VAL A 132 0.04 12.37 29.31
CA VAL A 132 0.26 13.75 29.69
C VAL A 132 1.39 14.27 28.82
N VAL A 133 1.18 15.39 28.15
CA VAL A 133 2.18 15.89 27.21
C VAL A 133 2.80 17.18 27.70
N CYS A 134 4.14 17.22 27.72
CA CYS A 134 4.88 18.42 28.06
C CYS A 134 5.58 18.89 26.79
N LEU A 135 5.30 20.13 26.38
CA LEU A 135 5.85 20.66 25.14
C LEU A 135 6.92 21.72 25.44
N LEU A 136 8.09 21.57 24.84
CA LEU A 136 9.16 22.57 24.92
C LEU A 136 9.27 23.19 23.55
N ASN A 137 8.88 24.45 23.41
CA ASN A 137 8.74 25.00 22.08
C ASN A 137 9.84 26.02 21.70
N ASN A 138 10.43 25.83 20.53
CA ASN A 138 11.30 26.84 19.91
C ASN A 138 12.51 27.23 20.72
N PHE A 139 13.34 26.25 21.04
CA PHE A 139 14.52 26.49 21.86
C PHE A 139 15.81 26.16 21.13
N TYR A 140 16.91 26.69 21.65
CA TYR A 140 18.23 26.41 21.10
C TYR A 140 19.23 26.73 22.22
N PRO A 141 20.24 25.88 22.42
CA PRO A 141 20.60 24.71 21.62
C PRO A 141 19.76 23.49 21.95
N ARG A 142 20.16 22.35 21.39
CA ARG A 142 19.35 21.14 21.42
C ARG A 142 19.20 20.50 22.80
N GLU A 143 20.26 20.56 23.60
CA GLU A 143 20.29 19.87 24.89
C GLU A 143 19.21 20.41 25.86
N ALA A 144 18.35 19.53 26.35
CA ALA A 144 17.30 19.95 27.28
C ALA A 144 16.98 18.77 28.17
N LYS A 145 16.72 19.00 29.45
CA LYS A 145 16.31 17.89 30.32
C LYS A 145 14.88 18.11 30.77
N VAL A 146 14.07 17.05 30.72
CA VAL A 146 12.70 17.10 31.18
C VAL A 146 12.46 15.99 32.17
N GLN A 147 11.95 16.34 33.36
CA GLN A 147 11.66 15.35 34.40
C GLN A 147 10.20 15.45 34.79
N TRP A 148 9.59 14.31 35.06
CA TRP A 148 8.18 14.26 35.43
C TRP A 148 8.05 14.03 36.93
N LYS A 149 7.14 14.76 37.57
CA LYS A 149 6.85 14.51 38.97
C LYS A 149 5.35 14.36 39.14
N VAL A 150 4.95 13.30 39.85
CA VAL A 150 3.55 12.99 40.08
C VAL A 150 3.37 12.94 41.59
N ASP A 151 2.49 13.81 42.11
CA ASP A 151 2.44 14.10 43.56
C ASP A 151 3.87 14.28 44.14
N ASN A 152 4.67 15.10 43.46
CA ASN A 152 6.07 15.35 43.83
CA ASN A 152 6.07 15.36 43.81
C ASN A 152 7.02 14.14 43.80
N ALA A 153 6.58 13.01 43.28
CA ALA A 153 7.48 11.85 43.17
C ALA A 153 8.09 11.80 41.77
N LEU A 154 9.41 11.70 41.70
CA LEU A 154 10.09 11.65 40.41
C LEU A 154 9.73 10.36 39.65
N GLN A 155 9.32 10.52 38.39
CA GLN A 155 8.97 9.37 37.56
C GLN A 155 10.20 8.88 36.78
N SER A 156 10.24 7.59 36.48
CA SER A 156 11.23 7.08 35.54
C SER A 156 10.67 5.86 34.81
N GLY A 157 11.01 5.73 33.53
CA GLY A 157 10.63 4.57 32.74
C GLY A 157 9.27 4.64 32.07
N ASN A 158 8.50 5.68 32.37
CA ASN A 158 7.16 5.80 31.80
C ASN A 158 6.94 7.05 30.94
N SER A 159 8.03 7.60 30.41
CA SER A 159 7.94 8.75 29.50
C SER A 159 8.85 8.57 28.27
N GLN A 160 8.47 9.25 27.19
CA GLN A 160 9.14 9.14 25.90
CA GLN A 160 9.23 9.16 25.95
C GLN A 160 9.32 10.55 25.35
N GLU A 161 10.49 10.85 24.79
CA GLU A 161 10.76 12.17 24.21
C GLU A 161 10.87 12.10 22.71
N SER A 162 10.46 13.17 22.04
CA SER A 162 10.61 13.24 20.58
CA SER A 162 10.62 13.25 20.59
C SER A 162 11.01 14.67 20.23
N VAL A 163 11.90 14.85 19.26
CA VAL A 163 12.38 16.18 18.90
CA VAL A 163 12.37 16.18 18.89
C VAL A 163 12.25 16.42 17.38
N THR A 164 11.89 17.63 16.99
CA THR A 164 11.79 17.97 15.57
C THR A 164 13.17 18.29 15.02
N GLU A 165 13.28 18.37 13.70
CA GLU A 165 14.50 18.86 13.07
C GLU A 165 14.53 20.37 13.31
N GLN A 166 15.69 21.00 13.19
CA GLN A 166 15.77 22.46 13.27
C GLN A 166 14.75 23.13 12.36
N ASP A 167 14.03 24.11 12.89
CA ASP A 167 12.99 24.79 12.11
C ASP A 167 13.55 25.50 10.88
N SER A 168 12.88 25.38 9.74
CA SER A 168 13.41 25.95 8.48
C SER A 168 13.52 27.47 8.51
N LYS A 169 12.64 28.12 9.27
CA LYS A 169 12.65 29.57 9.41
C LYS A 169 13.59 30.11 10.49
N ASP A 170 13.46 29.63 11.73
CA ASP A 170 14.21 30.20 12.86
C ASP A 170 15.31 29.30 13.46
N SER A 171 15.46 28.08 12.92
CA SER A 171 16.54 27.18 13.31
C SER A 171 16.48 26.68 14.76
N THR A 172 15.29 26.74 15.35
CA THR A 172 15.12 26.23 16.70
C THR A 172 14.63 24.79 16.66
N TYR A 173 14.64 24.15 17.84
CA TYR A 173 14.08 22.83 18.05
C TYR A 173 12.78 22.94 18.85
N SER A 174 11.93 21.94 18.74
CA SER A 174 10.84 21.76 19.70
C SER A 174 10.87 20.31 20.15
N LEU A 175 10.38 20.04 21.35
CA LEU A 175 10.48 18.72 21.91
C LEU A 175 9.19 18.40 22.63
N SER A 176 8.73 17.15 22.52
CA SER A 176 7.61 16.71 23.33
C SER A 176 8.12 15.64 24.30
N SER A 177 7.65 15.69 25.54
CA SER A 177 7.85 14.57 26.46
C SER A 177 6.47 14.08 26.88
N THR A 178 6.21 12.79 26.69
CA THR A 178 4.89 12.27 26.94
C THR A 178 4.92 11.25 28.06
N LEU A 179 4.19 11.51 29.13
CA LEU A 179 4.09 10.56 30.23
C LEU A 179 2.85 9.70 30.00
N THR A 180 3.01 8.38 29.99
CA THR A 180 1.88 7.50 29.68
C THR A 180 1.47 6.66 30.87
N LEU A 181 0.20 6.71 31.24
CA LEU A 181 -0.28 5.96 32.40
C LEU A 181 -1.60 5.30 32.04
N SER A 182 -1.98 4.27 32.79
CA SER A 182 -3.31 3.72 32.64
C SER A 182 -4.22 4.73 33.31
N LYS A 183 -5.49 4.74 32.91
CA LYS A 183 -6.44 5.61 33.56
C LYS A 183 -6.45 5.38 35.06
N ALA A 184 -6.43 4.12 35.47
CA ALA A 184 -6.42 3.81 36.90
C ALA A 184 -5.24 4.46 37.64
N ASP A 185 -4.05 4.39 37.07
CA ASP A 185 -2.89 5.01 37.70
C ASP A 185 -3.00 6.55 37.71
N TYR A 186 -3.46 7.11 36.61
CA TYR A 186 -3.68 8.56 36.50
C TYR A 186 -4.60 9.05 37.63
N GLU A 187 -5.66 8.28 37.90
CA GLU A 187 -6.62 8.66 38.94
C GLU A 187 -6.12 8.46 40.39
N LYS A 188 -4.95 7.84 40.58
CA LYS A 188 -4.43 7.65 41.94
C LYS A 188 -3.71 8.89 42.47
N HIS A 189 -3.54 9.90 41.64
CA HIS A 189 -2.73 11.06 42.01
C HIS A 189 -3.39 12.35 41.56
N LYS A 190 -3.00 13.46 42.19
CA LYS A 190 -3.64 14.74 41.89
C LYS A 190 -2.72 15.67 41.11
N VAL A 191 -1.46 15.78 41.52
CA VAL A 191 -0.61 16.83 40.96
C VAL A 191 0.34 16.27 39.91
N TYR A 192 0.36 16.89 38.74
CA TYR A 192 1.22 16.47 37.65
C TYR A 192 2.14 17.63 37.25
N ALA A 193 3.44 17.38 37.16
CA ALA A 193 4.38 18.46 36.87
C ALA A 193 5.49 18.00 35.95
N CYS A 194 5.86 18.86 35.02
CA CYS A 194 7.07 18.61 34.24
CA CYS A 194 7.01 18.66 34.15
C CYS A 194 8.06 19.73 34.48
N GLU A 195 9.31 19.30 34.73
CA GLU A 195 10.41 20.20 35.06
CA GLU A 195 10.38 20.23 35.06
C GLU A 195 11.43 20.25 33.94
N VAL A 196 11.69 21.45 33.44
CA VAL A 196 12.54 21.63 32.27
C VAL A 196 13.81 22.37 32.65
N THR A 197 14.96 21.84 32.25
CA THR A 197 16.22 22.51 32.44
CA THR A 197 16.22 22.54 32.43
C THR A 197 16.84 22.77 31.07
N HIS A 198 17.23 24.01 30.82
CA HIS A 198 17.81 24.40 29.55
C HIS A 198 18.75 25.57 29.75
N GLN A 199 19.82 25.63 28.96
CA GLN A 199 20.84 26.67 29.05
C GLN A 199 20.26 28.08 28.98
N GLY A 200 19.16 28.26 28.24
CA GLY A 200 18.57 29.58 28.08
C GLY A 200 17.74 30.06 29.28
N LEU A 201 17.53 29.17 30.25
CA LEU A 201 16.78 29.54 31.47
C LEU A 201 17.71 29.77 32.66
N SER A 202 17.42 30.81 33.45
CA SER A 202 18.21 31.14 34.64
CA SER A 202 18.23 31.12 34.63
C SER A 202 17.99 30.15 35.79
N SER A 203 16.94 29.34 35.68
CA SER A 203 16.62 28.34 36.69
C SER A 203 15.72 27.30 36.01
N PRO A 204 15.55 26.11 36.61
CA PRO A 204 14.62 25.19 35.94
C PRO A 204 13.20 25.73 35.96
N VAL A 205 12.39 25.31 35.01
CA VAL A 205 11.02 25.79 34.91
C VAL A 205 10.07 24.61 35.08
N THR A 206 9.08 24.77 35.95
CA THR A 206 8.09 23.73 36.14
C THR A 206 6.72 24.20 35.64
N LYS A 207 6.05 23.35 34.86
CA LYS A 207 4.65 23.60 34.48
C LYS A 207 3.84 22.47 35.10
N SER A 208 2.69 22.79 35.64
CA SER A 208 1.96 21.76 36.39
C SER A 208 0.47 22.00 36.31
N PHE A 209 -0.28 21.00 36.72
CA PHE A 209 -1.75 21.09 36.85
C PHE A 209 -2.23 20.11 37.90
N ASN A 210 -3.48 20.27 38.32
CA ASN A 210 -4.07 19.41 39.31
C ASN A 210 -5.29 18.74 38.66
N ARG A 211 -5.41 17.42 38.76
CA ARG A 211 -6.54 16.67 38.18
C ARG A 211 -7.89 17.09 38.73
N GLY A 212 -7.89 17.72 39.91
CA GLY A 212 -9.13 18.10 40.58
C GLY A 212 -9.68 19.45 40.18
N GLU A 213 -9.07 20.12 39.21
CA GLU A 213 -9.53 21.46 38.80
C GLU A 213 -9.45 21.64 37.27
N CYS A 214 -10.01 22.74 36.76
CA CYS A 214 -10.04 22.98 35.32
C CYS A 214 -8.65 23.03 34.71
N GLU B 1 13.65 13.33 -18.68
CA GLU B 1 14.70 13.00 -19.64
C GLU B 1 15.17 11.55 -19.49
N ILE B 2 15.41 10.91 -20.65
CA ILE B 2 15.75 9.48 -20.67
C ILE B 2 17.15 9.19 -20.09
N SER B 3 17.94 10.25 -19.88
CA SER B 3 19.29 10.11 -19.33
C SER B 3 19.26 9.89 -17.83
N GLU B 4 18.11 10.14 -17.22
CA GLU B 4 17.98 10.05 -15.77
C GLU B 4 18.22 8.62 -15.26
N VAL B 5 19.24 8.45 -14.43
CA VAL B 5 19.45 7.18 -13.77
C VAL B 5 18.38 7.00 -12.71
N GLN B 6 17.60 5.93 -12.80
CA GLN B 6 16.57 5.65 -11.80
C GLN B 6 16.69 4.24 -11.25
N LEU B 7 16.45 4.12 -9.96
CA LEU B 7 16.43 2.85 -9.29
C LEU B 7 15.12 2.86 -8.53
N VAL B 8 14.14 2.08 -8.98
CA VAL B 8 12.83 2.10 -8.34
C VAL B 8 12.55 0.81 -7.57
N GLU B 9 12.48 0.90 -6.24
CA GLU B 9 12.26 -0.24 -5.35
C GLU B 9 10.77 -0.59 -5.25
N SER B 10 10.46 -1.85 -5.00
CA SER B 10 9.09 -2.25 -4.74
C SER B 10 9.08 -3.55 -3.95
N GLY B 11 7.90 -3.97 -3.45
CA GLY B 11 7.81 -5.22 -2.72
C GLY B 11 8.03 -5.11 -1.21
N GLY B 12 8.16 -3.89 -0.71
CA GLY B 12 8.37 -3.69 0.72
C GLY B 12 7.07 -3.84 1.47
N GLY B 13 6.93 -3.19 2.62
CA GLY B 13 5.67 -3.24 3.32
C GLY B 13 5.69 -4.05 4.62
N LEU B 14 4.58 -4.70 4.92
CA LEU B 14 4.35 -5.37 6.19
C LEU B 14 4.65 -6.85 6.19
N VAL B 15 5.27 -7.31 7.27
CA VAL B 15 5.48 -8.73 7.44
C VAL B 15 5.54 -9.04 8.95
N GLN B 16 5.22 -10.27 9.34
CA GLN B 16 5.37 -10.70 10.73
C GLN B 16 6.75 -11.35 10.96
N PRO B 17 7.24 -11.36 12.21
CA PRO B 17 8.54 -11.99 12.46
C PRO B 17 8.50 -13.48 12.04
N GLY B 18 9.56 -13.92 11.39
CA GLY B 18 9.61 -15.26 10.85
C GLY B 18 9.12 -15.29 9.43
N GLY B 19 8.48 -14.21 8.97
CA GLY B 19 7.90 -14.22 7.63
C GLY B 19 8.93 -13.85 6.57
N SER B 20 8.48 -13.72 5.33
CA SER B 20 9.35 -13.43 4.19
CA SER B 20 9.39 -13.36 4.24
C SER B 20 8.82 -12.29 3.32
N LEU B 21 9.73 -11.58 2.65
CA LEU B 21 9.39 -10.52 1.69
C LEU B 21 10.42 -10.60 0.57
N ARG B 22 10.05 -10.21 -0.65
CA ARG B 22 11.05 -10.08 -1.71
C ARG B 22 11.01 -8.68 -2.29
N LEU B 23 12.11 -7.94 -2.10
CA LEU B 23 12.22 -6.62 -2.70
C LEU B 23 12.68 -6.73 -4.16
N SER B 24 12.20 -5.81 -4.99
CA SER B 24 12.59 -5.68 -6.38
C SER B 24 13.06 -4.26 -6.59
N CYS B 25 13.97 -4.08 -7.54
CA CYS B 25 14.46 -2.78 -7.90
C CYS B 25 14.61 -2.80 -9.41
N VAL B 26 13.85 -1.96 -10.08
CA VAL B 26 13.88 -1.89 -11.54
C VAL B 26 14.70 -0.66 -11.91
N THR B 27 15.72 -0.85 -12.75
CA THR B 27 16.60 0.27 -13.06
C THR B 27 16.41 0.83 -14.45
N SER B 28 16.74 2.10 -14.63
CA SER B 28 16.86 2.63 -15.98
C SER B 28 17.92 3.72 -16.10
N GLY B 29 18.25 4.08 -17.34
CA GLY B 29 19.17 5.16 -17.62
C GLY B 29 20.62 4.72 -17.74
N PHE B 30 20.86 3.41 -17.75
CA PHE B 30 22.21 2.89 -17.90
C PHE B 30 22.13 1.42 -18.27
N THR B 31 23.24 0.87 -18.75
CA THR B 31 23.29 -0.54 -19.09
C THR B 31 23.44 -1.36 -17.78
N PHE B 32 22.32 -1.93 -17.31
CA PHE B 32 22.23 -2.64 -16.03
C PHE B 32 23.35 -3.66 -15.80
N ARG B 33 23.60 -4.55 -16.76
CA ARG B 33 24.57 -5.65 -16.57
C ARG B 33 26.02 -5.19 -16.39
N LYS B 34 26.28 -3.92 -16.61
CA LYS B 34 27.65 -3.40 -16.55
C LYS B 34 28.02 -2.93 -15.14
N PHE B 35 27.08 -2.97 -14.22
CA PHE B 35 27.34 -2.43 -12.89
C PHE B 35 27.04 -3.42 -11.77
N GLY B 36 27.90 -3.43 -10.74
CA GLY B 36 27.60 -4.12 -9.50
C GLY B 36 26.47 -3.37 -8.84
N MET B 37 25.69 -4.06 -8.00
CA MET B 37 24.55 -3.44 -7.32
C MET B 37 24.59 -3.83 -5.85
N SER B 38 23.99 -2.99 -4.99
CA SER B 38 23.94 -3.30 -3.55
C SER B 38 22.61 -2.90 -2.95
N TRP B 39 22.26 -3.55 -1.84
CA TRP B 39 21.21 -3.07 -0.94
C TRP B 39 21.84 -2.47 0.33
N VAL B 40 21.36 -1.30 0.73
CA VAL B 40 21.79 -0.63 1.96
C VAL B 40 20.52 -0.28 2.72
N ARG B 41 20.52 -0.43 4.03
CA ARG B 41 19.32 -0.09 4.79
C ARG B 41 19.58 0.94 5.86
N GLN B 42 18.49 1.50 6.37
CA GLN B 42 18.60 2.51 7.42
C GLN B 42 17.43 2.35 8.37
N ALA B 43 17.71 1.88 9.59
CA ALA B 43 16.69 1.76 10.61
C ALA B 43 16.22 3.16 11.01
N PRO B 44 14.95 3.29 11.45
CA PRO B 44 14.43 4.62 11.76
C PRO B 44 15.33 5.33 12.80
N GLY B 45 15.77 6.54 12.46
CA GLY B 45 16.57 7.35 13.35
C GLY B 45 18.03 6.94 13.44
N LYS B 46 18.42 5.96 12.64
CA LYS B 46 19.76 5.39 12.70
C LYS B 46 20.59 5.66 11.41
N GLY B 47 21.81 5.13 11.38
CA GLY B 47 22.70 5.39 10.26
C GLY B 47 22.56 4.38 9.12
N LEU B 48 23.39 4.56 8.11
CA LEU B 48 23.39 3.66 6.97
C LEU B 48 24.04 2.33 7.29
N GLU B 49 23.45 1.23 6.83
CA GLU B 49 24.02 -0.10 7.05
CA GLU B 49 24.04 -0.09 7.04
C GLU B 49 24.00 -0.93 5.75
N TRP B 50 25.17 -1.30 5.24
CA TRP B 50 25.25 -2.17 4.05
C TRP B 50 24.61 -3.54 4.32
N VAL B 51 23.89 -4.07 3.33
CA VAL B 51 23.19 -5.35 3.50
C VAL B 51 23.80 -6.42 2.60
N ALA B 52 23.87 -6.15 1.31
CA ALA B 52 24.36 -7.13 0.36
C ALA B 52 24.78 -6.49 -0.96
N SER B 53 25.71 -7.14 -1.66
CA SER B 53 26.15 -6.71 -2.98
C SER B 53 26.17 -7.88 -3.94
N ILE B 54 26.08 -7.58 -5.25
CA ILE B 54 26.17 -8.60 -6.29
C ILE B 54 26.99 -8.08 -7.47
N VAL B 55 27.80 -8.96 -8.07
CA VAL B 55 28.63 -8.62 -9.23
C VAL B 55 27.77 -8.47 -10.49
N THR B 56 28.31 -7.73 -11.45
CA THR B 56 27.72 -7.57 -12.80
C THR B 56 26.99 -8.80 -13.33
N GLY B 57 27.71 -9.93 -13.42
CA GLY B 57 27.20 -11.15 -14.01
C GLY B 57 26.24 -11.96 -13.13
N GLY B 58 26.20 -11.63 -11.84
CA GLY B 58 25.24 -12.24 -10.94
C GLY B 58 25.61 -13.56 -10.28
N ARG B 59 26.82 -14.06 -10.52
CA ARG B 59 27.21 -15.36 -9.97
C ARG B 59 28.03 -15.26 -8.68
N LYS B 60 28.20 -14.04 -8.18
CA LYS B 60 28.99 -13.81 -6.98
C LYS B 60 28.32 -12.75 -6.11
N THR B 61 28.18 -13.05 -4.82
CA THR B 61 27.38 -12.24 -3.91
C THR B 61 28.08 -12.08 -2.55
N TYR B 62 27.75 -11.00 -1.83
CA TYR B 62 28.35 -10.74 -0.51
C TYR B 62 27.29 -10.22 0.46
N TYR B 63 27.36 -10.67 1.71
CA TYR B 63 26.34 -10.33 2.69
C TYR B 63 26.95 -9.82 3.98
N SER B 64 26.24 -8.95 4.68
CA SER B 64 26.63 -8.62 6.04
C SER B 64 26.35 -9.83 6.93
N ASP B 65 27.07 -9.92 8.04
CA ASP B 65 26.87 -11.03 8.98
C ASP B 65 25.46 -11.02 9.54
N SER B 66 24.85 -9.84 9.69
CA SER B 66 23.47 -9.72 10.17
C SER B 66 22.42 -10.43 9.31
N VAL B 67 22.66 -10.55 8.01
CA VAL B 67 21.62 -11.09 7.15
C VAL B 67 22.00 -12.40 6.46
N LYS B 68 23.27 -12.77 6.59
CA LYS B 68 23.80 -13.95 5.91
C LYS B 68 22.94 -15.17 6.23
N GLY B 69 22.61 -15.94 5.20
CA GLY B 69 21.82 -17.16 5.36
C GLY B 69 20.32 -16.89 5.40
N ARG B 70 19.92 -15.64 5.62
CA ARG B 70 18.51 -15.30 5.65
C ARG B 70 18.09 -14.56 4.38
N PHE B 71 18.96 -13.68 3.89
CA PHE B 71 18.65 -12.85 2.74
C PHE B 71 19.45 -13.39 1.54
N THR B 72 18.88 -13.26 0.36
CA THR B 72 19.57 -13.65 -0.87
C THR B 72 19.44 -12.51 -1.87
N ILE B 73 20.57 -12.02 -2.36
CA ILE B 73 20.56 -11.00 -3.39
C ILE B 73 20.70 -11.71 -4.76
N SER B 74 19.92 -11.26 -5.75
CA SER B 74 20.02 -11.80 -7.11
C SER B 74 19.67 -10.71 -8.10
N ARG B 75 19.91 -10.99 -9.37
CA ARG B 75 19.61 -10.05 -10.42
C ARG B 75 19.13 -10.77 -11.67
N ASP B 76 18.32 -10.09 -12.45
CA ASP B 76 17.90 -10.59 -13.76
C ASP B 76 18.27 -9.53 -14.79
N ASN B 77 19.39 -9.76 -15.49
CA ASN B 77 19.95 -8.76 -16.38
C ASN B 77 19.09 -8.52 -17.63
N SER B 78 18.17 -9.45 -17.91
CA SER B 78 17.28 -9.31 -19.06
C SER B 78 16.08 -8.43 -18.73
N LYS B 79 15.94 -8.06 -17.46
CA LYS B 79 14.78 -7.30 -16.99
C LYS B 79 15.19 -6.03 -16.25
N ASN B 80 16.49 -5.73 -16.26
CA ASN B 80 17.03 -4.60 -15.52
C ASN B 80 16.58 -4.62 -14.05
N THR B 81 16.55 -5.81 -13.47
CA THR B 81 15.98 -5.92 -12.13
C THR B 81 16.90 -6.58 -11.14
N LEU B 82 16.96 -5.99 -9.95
CA LEU B 82 17.69 -6.51 -8.80
C LEU B 82 16.71 -6.99 -7.73
N TYR B 83 17.03 -8.10 -7.08
CA TYR B 83 16.15 -8.65 -6.03
C TYR B 83 16.81 -8.76 -4.66
N LEU B 84 16.00 -8.68 -3.62
CA LEU B 84 16.45 -9.11 -2.30
C LEU B 84 15.36 -9.97 -1.70
N GLN B 85 15.60 -11.28 -1.67
CA GLN B 85 14.71 -12.19 -0.98
C GLN B 85 15.06 -12.15 0.51
N MET B 86 14.08 -11.82 1.35
CA MET B 86 14.31 -11.68 2.79
C MET B 86 13.50 -12.71 3.57
N ASN B 87 14.17 -13.71 4.13
CA ASN B 87 13.51 -14.75 4.92
C ASN B 87 13.79 -14.62 6.42
N SER B 88 13.01 -15.36 7.21
CA SER B 88 13.18 -15.42 8.66
C SER B 88 13.36 -14.03 9.26
N LEU B 89 12.47 -13.13 8.86
CA LEU B 89 12.61 -11.72 9.27
C LEU B 89 12.42 -11.49 10.77
N ARG B 90 13.14 -10.52 11.32
CA ARG B 90 13.08 -10.16 12.73
C ARG B 90 12.74 -8.66 12.86
N ALA B 91 12.25 -8.25 14.03
CA ALA B 91 11.94 -6.85 14.31
C ALA B 91 13.13 -5.90 14.03
N GLU B 92 14.34 -6.35 14.30
CA GLU B 92 15.54 -5.55 14.03
C GLU B 92 15.80 -5.33 12.53
N ASP B 93 15.07 -6.02 11.66
CA ASP B 93 15.23 -5.83 10.22
C ASP B 93 14.34 -4.69 9.69
N THR B 94 13.54 -4.10 10.57
CA THR B 94 12.74 -2.95 10.15
C THR B 94 13.67 -1.79 9.74
N ALA B 95 13.44 -1.24 8.53
CA ALA B 95 14.30 -0.20 7.95
C ALA B 95 13.77 0.24 6.60
N VAL B 96 14.24 1.39 6.15
CA VAL B 96 14.11 1.76 4.76
C VAL B 96 15.22 1.04 4.01
N TYR B 97 14.84 0.32 2.96
CA TYR B 97 15.78 -0.44 2.17
C TYR B 97 16.03 0.30 0.87
N TYR B 98 17.29 0.61 0.59
CA TYR B 98 17.65 1.32 -0.63
C TYR B 98 18.34 0.40 -1.61
N CYS B 99 17.93 0.46 -2.86
CA CYS B 99 18.67 -0.13 -3.98
CA CYS B 99 18.77 -0.17 -3.87
C CYS B 99 19.76 0.88 -4.37
N THR B 100 20.98 0.41 -4.66
CA THR B 100 22.07 1.30 -5.05
C THR B 100 22.93 0.69 -6.13
N ARG B 101 23.56 1.54 -6.94
CA ARG B 101 24.40 1.06 -8.02
C ARG B 101 25.84 1.28 -7.59
N GLY B 102 26.70 0.30 -7.82
CA GLY B 102 28.13 0.47 -7.56
C GLY B 102 28.72 1.39 -8.61
N TYR B 103 29.61 2.30 -8.22
CA TYR B 103 30.00 3.35 -9.15
C TYR B 103 31.01 2.91 -10.21
N SER B 104 31.68 1.79 -9.96
CA SER B 104 32.70 1.34 -10.90
C SER B 104 32.79 -0.18 -11.00
N SER B 105 33.62 -0.65 -11.91
CA SER B 105 33.75 -2.07 -12.19
C SER B 105 34.41 -2.85 -11.05
N THR B 106 35.15 -2.14 -10.20
CA THR B 106 35.82 -2.80 -9.05
C THR B 106 35.28 -2.37 -7.69
N SER B 107 34.27 -1.49 -7.66
CA SER B 107 33.83 -0.94 -6.39
C SER B 107 32.34 -0.98 -6.21
N TYR B 108 31.91 -1.37 -5.01
CA TYR B 108 30.51 -1.33 -4.66
C TYR B 108 30.11 -0.01 -4.02
N ALA B 109 31.05 0.94 -3.92
CA ALA B 109 30.70 2.28 -3.42
C ALA B 109 29.50 2.81 -4.22
N MET B 110 28.45 3.23 -3.52
CA MET B 110 27.18 3.57 -4.15
C MET B 110 27.25 4.93 -4.82
N ASP B 111 26.91 5.03 -6.12
CA ASP B 111 26.78 6.36 -6.72
C ASP B 111 25.35 6.82 -6.96
N TYR B 112 24.45 5.88 -7.24
CA TYR B 112 23.03 6.21 -7.37
C TYR B 112 22.26 5.44 -6.33
N TRP B 113 21.27 6.11 -5.74
CA TRP B 113 20.41 5.50 -4.73
C TRP B 113 18.95 5.61 -5.16
N GLY B 114 18.16 4.59 -4.87
CA GLY B 114 16.71 4.67 -5.03
C GLY B 114 16.15 5.53 -3.89
N GLN B 115 14.84 5.81 -3.92
CA GLN B 115 14.20 6.58 -2.86
C GLN B 115 14.02 5.75 -1.61
N GLY B 116 14.23 4.43 -1.72
CA GLY B 116 14.08 3.55 -0.57
C GLY B 116 12.66 3.09 -0.31
N THR B 117 12.51 1.90 0.27
CA THR B 117 11.18 1.40 0.61
C THR B 117 11.18 0.85 2.03
N LEU B 118 10.14 1.20 2.80
CA LEU B 118 10.07 0.81 4.21
C LEU B 118 9.60 -0.62 4.37
N VAL B 119 10.35 -1.38 5.15
CA VAL B 119 9.95 -2.71 5.52
C VAL B 119 9.72 -2.71 7.04
N THR B 120 8.53 -3.12 7.47
CA THR B 120 8.23 -3.14 8.89
C THR B 120 7.90 -4.57 9.28
N VAL B 121 8.65 -5.08 10.25
CA VAL B 121 8.51 -6.44 10.72
C VAL B 121 7.96 -6.42 12.14
N SER B 122 6.77 -6.97 12.31
CA SER B 122 6.07 -6.84 13.58
C SER B 122 4.88 -7.78 13.68
N SER B 123 4.50 -8.10 14.91
CA SER B 123 3.29 -8.89 15.17
C SER B 123 2.03 -8.04 15.03
N ALA B 124 2.18 -6.72 15.04
CA ALA B 124 1.02 -5.82 15.06
C ALA B 124 0.21 -5.90 13.76
N SER B 125 -1.11 -5.74 13.90
CA SER B 125 -1.99 -5.61 12.73
C SER B 125 -2.13 -4.13 12.36
N THR B 126 -2.33 -3.87 11.08
CA THR B 126 -2.54 -2.51 10.58
C THR B 126 -3.68 -1.83 11.35
N LYS B 127 -3.47 -0.59 11.79
CA LYS B 127 -4.48 0.08 12.61
C LYS B 127 -4.34 1.58 12.46
N GLY B 128 -5.46 2.25 12.21
CA GLY B 128 -5.46 3.70 12.14
C GLY B 128 -5.35 4.33 13.53
N PRO B 129 -4.84 5.56 13.61
CA PRO B 129 -4.65 6.19 14.91
C PRO B 129 -5.97 6.61 15.55
N SER B 130 -5.98 6.64 16.86
CA SER B 130 -6.95 7.40 17.62
C SER B 130 -6.42 8.82 17.75
N VAL B 131 -7.27 9.82 17.57
CA VAL B 131 -6.79 11.21 17.61
C VAL B 131 -7.40 11.97 18.77
N PHE B 132 -6.56 12.50 19.65
CA PHE B 132 -7.07 13.20 20.84
C PHE B 132 -6.58 14.65 20.84
N PRO B 133 -7.44 15.57 21.28
CA PRO B 133 -7.08 16.98 21.32
C PRO B 133 -6.08 17.28 22.42
N LEU B 134 -5.16 18.20 22.15
CA LEU B 134 -4.35 18.83 23.17
C LEU B 134 -4.91 20.25 23.26
N ALA B 135 -5.86 20.47 24.15
CA ALA B 135 -6.59 21.71 24.19
C ALA B 135 -5.73 22.86 24.66
N PRO B 136 -5.93 24.05 24.10
CA PRO B 136 -5.17 25.20 24.56
C PRO B 136 -5.71 25.67 25.92
N SER B 137 -4.93 26.46 26.64
CA SER B 137 -5.52 27.28 27.70
C SER B 137 -4.72 28.55 27.96
N SER B 142 0.79 33.85 27.69
CA SER B 142 2.03 33.54 26.99
C SER B 142 2.28 34.54 25.85
N GLY B 143 2.36 35.82 26.21
CA GLY B 143 2.56 36.89 25.25
C GLY B 143 1.47 36.95 24.20
N GLY B 144 0.25 36.61 24.60
CA GLY B 144 -0.88 36.61 23.69
C GLY B 144 -0.85 35.48 22.66
N THR B 145 -0.02 34.47 22.88
CA THR B 145 -0.08 33.30 21.98
C THR B 145 -0.26 32.01 22.78
N ALA B 146 -1.06 31.09 22.25
CA ALA B 146 -1.33 29.85 22.93
C ALA B 146 -0.92 28.66 22.08
N ALA B 147 -0.63 27.54 22.73
CA ALA B 147 -0.28 26.32 22.01
C ALA B 147 -1.44 25.32 22.09
N LEU B 148 -1.64 24.57 21.02
CA LEU B 148 -2.63 23.50 21.03
C LEU B 148 -2.11 22.43 20.11
N GLY B 149 -2.80 21.28 20.07
CA GLY B 149 -2.34 20.24 19.16
C GLY B 149 -3.24 19.01 19.15
N CYS B 150 -2.74 17.93 18.57
CA CYS B 150 -3.45 16.65 18.55
CA CYS B 150 -3.45 16.67 18.62
C CYS B 150 -2.46 15.55 18.90
N LEU B 151 -2.90 14.61 19.73
CA LEU B 151 -2.10 13.43 20.02
C LEU B 151 -2.58 12.35 19.02
N VAL B 152 -1.67 11.85 18.20
CA VAL B 152 -1.98 10.85 17.18
C VAL B 152 -1.46 9.50 17.69
N LYS B 153 -2.37 8.70 18.27
CA LYS B 153 -1.93 7.60 19.14
C LYS B 153 -2.32 6.24 18.61
N ASP B 154 -1.39 5.28 18.79
CA ASP B 154 -1.68 3.86 18.61
C ASP B 154 -2.00 3.48 17.17
N TYR B 155 -1.11 3.79 16.24
CA TYR B 155 -1.34 3.36 14.85
C TYR B 155 -0.23 2.42 14.41
N PHE B 156 -0.47 1.71 13.32
CA PHE B 156 0.54 0.81 12.76
C PHE B 156 0.23 0.53 11.30
N PRO B 157 1.25 0.57 10.42
CA PRO B 157 2.66 0.90 10.63
C PRO B 157 2.87 2.40 10.38
N GLU B 158 4.12 2.86 10.31
CA GLU B 158 4.44 4.17 9.74
C GLU B 158 4.10 4.18 8.24
N PRO B 159 3.82 5.37 7.67
CA PRO B 159 3.81 6.68 8.33
C PRO B 159 2.39 7.25 8.46
N VAL B 160 2.22 8.35 9.21
CA VAL B 160 0.98 9.11 9.15
C VAL B 160 1.36 10.46 8.62
N THR B 161 0.38 11.19 8.09
CA THR B 161 0.60 12.59 7.74
C THR B 161 -0.37 13.45 8.52
N VAL B 162 0.09 14.61 8.97
CA VAL B 162 -0.74 15.52 9.71
C VAL B 162 -0.72 16.90 9.05
N SER B 163 -1.90 17.47 8.86
CA SER B 163 -1.97 18.87 8.44
C SER B 163 -2.96 19.56 9.38
N TRP B 164 -3.06 20.87 9.25
CA TRP B 164 -3.98 21.67 10.06
C TRP B 164 -4.85 22.52 9.13
N ASN B 165 -6.15 22.59 9.44
CA ASN B 165 -7.10 23.38 8.65
C ASN B 165 -6.96 23.11 7.15
N SER B 166 -6.89 21.82 6.82
CA SER B 166 -6.81 21.33 5.45
C SER B 166 -5.57 21.85 4.74
N GLY B 167 -4.53 22.17 5.49
CA GLY B 167 -3.31 22.69 4.90
C GLY B 167 -3.24 24.21 4.83
N ALA B 168 -4.30 24.90 5.27
CA ALA B 168 -4.28 26.36 5.25
C ALA B 168 -3.43 26.93 6.40
N LEU B 169 -3.21 26.12 7.44
CA LEU B 169 -2.45 26.55 8.62
C LEU B 169 -1.11 25.80 8.67
N THR B 170 -0.02 26.53 8.45
CA THR B 170 1.28 25.89 8.41
C THR B 170 2.25 26.60 9.35
N SER B 171 2.01 27.89 9.59
CA SER B 171 2.91 28.70 10.42
C SER B 171 2.87 28.25 11.89
N GLY B 172 4.03 28.01 12.48
CA GLY B 172 4.10 27.58 13.87
C GLY B 172 3.72 26.13 14.14
N VAL B 173 3.53 25.33 13.09
CA VAL B 173 3.20 23.90 13.25
C VAL B 173 4.47 23.09 13.50
N HIS B 174 4.45 22.21 14.51
CA HIS B 174 5.53 21.24 14.68
C HIS B 174 4.92 19.87 14.84
N THR B 175 5.31 18.96 13.97
CA THR B 175 4.83 17.59 14.06
C THR B 175 6.02 16.70 14.37
N PHE B 176 5.96 16.04 15.53
CA PHE B 176 7.07 15.25 16.08
C PHE B 176 7.21 13.89 15.37
N PRO B 177 8.44 13.37 15.32
CA PRO B 177 8.65 12.01 14.82
C PRO B 177 7.90 11.03 15.71
N ALA B 178 7.50 9.90 15.15
CA ALA B 178 6.77 8.91 15.93
C ALA B 178 7.71 8.18 16.84
N VAL B 179 7.15 7.66 17.92
CA VAL B 179 7.87 6.76 18.79
CA VAL B 179 7.89 6.74 18.76
C VAL B 179 7.15 5.41 18.74
N LEU B 180 7.91 4.33 18.72
CA LEU B 180 7.33 2.99 18.74
C LEU B 180 7.10 2.62 20.20
N GLN B 181 5.84 2.36 20.58
CA GLN B 181 5.54 2.09 21.98
CA GLN B 181 5.45 2.06 21.96
C GLN B 181 5.73 0.61 22.31
N SER B 182 5.67 0.27 23.60
CA SER B 182 5.87 -1.12 23.99
C SER B 182 4.69 -2.01 23.55
N SER B 183 3.56 -1.39 23.24
CA SER B 183 2.43 -2.12 22.64
C SER B 183 2.70 -2.59 21.20
N GLY B 184 3.76 -2.08 20.59
CA GLY B 184 4.02 -2.36 19.19
C GLY B 184 3.39 -1.37 18.23
N LEU B 185 2.66 -0.39 18.79
CA LEU B 185 2.00 0.65 17.99
C LEU B 185 2.78 1.96 18.11
N TYR B 186 2.56 2.89 17.16
CA TYR B 186 3.30 4.14 17.09
C TYR B 186 2.43 5.26 17.64
N SER B 187 3.08 6.33 18.11
CA SER B 187 2.39 7.51 18.62
CA SER B 187 2.36 7.52 18.55
C SER B 187 3.21 8.76 18.31
N LEU B 188 2.54 9.89 18.05
CA LEU B 188 3.22 11.16 17.96
C LEU B 188 2.24 12.27 18.25
N SER B 189 2.75 13.47 18.47
CA SER B 189 1.88 14.64 18.56
C SER B 189 2.23 15.66 17.51
N SER B 190 1.27 16.51 17.20
CA SER B 190 1.48 17.65 16.34
C SER B 190 0.94 18.88 17.08
N VAL B 191 1.70 19.97 17.12
CA VAL B 191 1.27 21.14 17.87
C VAL B 191 1.37 22.36 17.00
N VAL B 192 0.69 23.43 17.39
CA VAL B 192 0.77 24.69 16.67
C VAL B 192 0.53 25.80 17.67
N THR B 193 1.19 26.94 17.48
CA THR B 193 0.96 28.09 18.33
C THR B 193 0.17 29.12 17.54
N VAL B 194 -0.80 29.75 18.19
CA VAL B 194 -1.76 30.64 17.53
C VAL B 194 -2.04 31.82 18.46
N PRO B 195 -2.54 32.96 17.93
CA PRO B 195 -2.95 34.06 18.81
C PRO B 195 -4.01 33.58 19.79
N SER B 196 -3.81 33.89 21.07
CA SER B 196 -4.84 33.64 22.08
C SER B 196 -6.18 34.25 21.72
N SER B 197 -6.15 35.44 21.11
CA SER B 197 -7.39 36.13 20.78
C SER B 197 -8.21 35.36 19.74
N SER B 198 -7.62 34.35 19.10
CA SER B 198 -8.32 33.59 18.08
C SER B 198 -9.06 32.39 18.66
N LEU B 199 -8.74 32.05 19.91
CA LEU B 199 -9.30 30.85 20.54
C LEU B 199 -10.81 31.00 20.71
N GLY B 200 -11.57 29.98 20.31
CA GLY B 200 -13.02 30.09 20.33
C GLY B 200 -13.62 30.88 19.17
N THR B 201 -12.79 31.52 18.35
CA THR B 201 -13.26 32.23 17.16
C THR B 201 -12.82 31.50 15.89
N GLN B 202 -11.51 31.35 15.70
CA GLN B 202 -10.97 30.52 14.63
C GLN B 202 -11.12 29.05 14.99
N THR B 203 -11.61 28.24 14.05
CA THR B 203 -11.66 26.80 14.28
C THR B 203 -10.32 26.15 13.93
N TYR B 204 -9.82 25.26 14.80
CA TYR B 204 -8.56 24.55 14.55
C TYR B 204 -8.82 23.06 14.41
N ILE B 205 -8.47 22.50 13.25
CA ILE B 205 -8.76 21.10 12.99
C ILE B 205 -7.51 20.43 12.52
N CYS B 206 -7.14 19.34 13.20
CA CYS B 206 -6.01 18.55 12.72
CA CYS B 206 -6.02 18.48 12.82
C CYS B 206 -6.49 17.45 11.79
N ASN B 207 -5.83 17.36 10.64
CA ASN B 207 -6.23 16.40 9.62
C ASN B 207 -5.23 15.28 9.62
N VAL B 208 -5.65 14.10 10.02
CA VAL B 208 -4.73 12.98 10.18
C VAL B 208 -5.02 11.87 9.20
N ASN B 209 -4.06 11.61 8.33
CA ASN B 209 -4.24 10.59 7.29
C ASN B 209 -3.26 9.45 7.49
N HIS B 210 -3.78 8.21 7.43
CA HIS B 210 -2.94 7.02 7.60
C HIS B 210 -3.24 6.09 6.44
N LYS B 211 -2.41 6.17 5.40
CA LYS B 211 -2.61 5.39 4.18
C LYS B 211 -2.75 3.87 4.38
N PRO B 212 -1.88 3.25 5.22
CA PRO B 212 -1.97 1.78 5.36
C PRO B 212 -3.35 1.26 5.82
N SER B 213 -4.04 2.04 6.66
CA SER B 213 -5.37 1.67 7.14
C SER B 213 -6.49 2.31 6.34
N ASN B 214 -6.14 3.14 5.35
CA ASN B 214 -7.14 3.89 4.58
C ASN B 214 -8.04 4.72 5.51
N THR B 215 -7.44 5.27 6.56
CA THR B 215 -8.20 6.12 7.48
C THR B 215 -7.83 7.61 7.38
N LYS B 216 -8.82 8.45 7.63
CA LYS B 216 -8.65 9.88 7.64
C LYS B 216 -9.49 10.39 8.81
N VAL B 217 -8.86 11.15 9.69
CA VAL B 217 -9.57 11.67 10.86
C VAL B 217 -9.33 13.17 10.95
N ASP B 218 -10.42 13.93 11.07
CA ASP B 218 -10.34 15.37 11.25
C ASP B 218 -10.80 15.66 12.66
N LYS B 219 -9.88 16.07 13.53
CA LYS B 219 -10.25 16.34 14.92
C LYS B 219 -10.23 17.84 15.21
N LYS B 220 -11.38 18.37 15.61
CA LYS B 220 -11.47 19.75 16.02
C LYS B 220 -10.87 19.90 17.41
N VAL B 221 -9.99 20.88 17.57
CA VAL B 221 -9.34 21.11 18.87
C VAL B 221 -9.84 22.44 19.44
N GLU B 222 -10.58 22.40 20.53
CA GLU B 222 -11.11 23.64 21.08
C GLU B 222 -10.74 23.80 22.56
N PRO B 223 -10.89 25.02 23.10
CA PRO B 223 -10.69 25.21 24.55
C PRO B 223 -11.59 24.26 25.34
N LYS B 224 -11.19 23.81 26.52
CA LYS B 224 -12.08 22.94 27.31
C LYS B 224 -13.36 23.68 27.70
N SER B 225 -14.48 22.96 27.84
CA SER B 225 -15.75 23.61 28.17
CA SER B 225 -15.76 23.60 28.18
C SER B 225 -15.67 24.36 29.50
N CYS B 226 -14.81 23.90 30.39
CA CYS B 226 -14.67 24.55 31.71
C CYS B 226 -13.81 25.82 31.59
N ASP B 227 -13.15 25.99 30.45
CA ASP B 227 -12.41 27.22 30.14
C ASP B 227 -13.36 28.30 29.60
N LYS B 228 -13.43 29.43 30.31
CA LYS B 228 -14.34 30.51 29.96
C LYS B 228 -13.65 31.79 29.47
N SER B 229 -12.32 31.78 29.42
CA SER B 229 -11.54 32.95 29.04
C SER B 229 -11.41 33.12 27.53
N ASP C 1 -23.82 9.20 -28.17
CA ASP C 1 -22.80 8.16 -28.13
C ASP C 1 -23.21 6.96 -28.98
N ILE C 2 -22.23 6.33 -29.61
CA ILE C 2 -22.48 5.16 -30.43
C ILE C 2 -22.55 3.92 -29.53
N VAL C 3 -23.67 3.22 -29.58
CA VAL C 3 -23.87 2.03 -28.74
C VAL C 3 -23.53 0.74 -29.49
N LEU C 4 -22.73 -0.13 -28.86
CA LEU C 4 -22.35 -1.41 -29.46
C LEU C 4 -23.02 -2.53 -28.69
N THR C 5 -23.76 -3.37 -29.41
CA THR C 5 -24.55 -4.42 -28.79
C THR C 5 -24.01 -5.76 -29.24
N GLN C 6 -23.40 -6.50 -28.31
CA GLN C 6 -22.84 -7.81 -28.67
C GLN C 6 -23.86 -8.90 -28.41
N SER C 7 -23.88 -9.91 -29.28
CA SER C 7 -24.65 -11.12 -29.01
C SER C 7 -23.93 -12.35 -29.55
N PRO C 8 -24.21 -13.52 -28.96
CA PRO C 8 -24.99 -13.68 -27.73
C PRO C 8 -24.13 -13.29 -26.53
N ALA C 9 -24.72 -13.19 -25.33
CA ALA C 9 -23.92 -12.90 -24.12
C ALA C 9 -22.95 -14.05 -23.82
N THR C 10 -23.42 -15.28 -23.99
CA THR C 10 -22.57 -16.47 -23.85
C THR C 10 -22.72 -17.36 -25.07
N LEU C 11 -21.59 -17.83 -25.59
CA LEU C 11 -21.55 -18.85 -26.61
C LEU C 11 -21.02 -20.15 -26.01
N SER C 12 -21.82 -21.21 -26.02
CA SER C 12 -21.35 -22.49 -25.49
C SER C 12 -20.97 -23.44 -26.61
N LEU C 13 -19.68 -23.69 -26.76
CA LEU C 13 -19.21 -24.52 -27.87
C LEU C 13 -18.13 -25.50 -27.45
N SER C 14 -17.94 -26.54 -28.27
CA SER C 14 -16.87 -27.50 -28.05
C SER C 14 -15.68 -27.12 -28.92
N PRO C 15 -14.47 -27.54 -28.53
CA PRO C 15 -13.28 -27.37 -29.36
C PRO C 15 -13.50 -27.93 -30.76
N GLY C 16 -12.97 -27.24 -31.77
CA GLY C 16 -13.16 -27.64 -33.15
C GLY C 16 -14.34 -26.99 -33.83
N GLU C 17 -15.30 -26.50 -33.05
CA GLU C 17 -16.48 -25.86 -33.62
C GLU C 17 -16.21 -24.41 -34.00
N ARG C 18 -17.00 -23.89 -34.93
CA ARG C 18 -16.93 -22.47 -35.29
C ARG C 18 -17.63 -21.60 -34.25
N ALA C 19 -17.00 -20.48 -33.91
CA ALA C 19 -17.66 -19.47 -33.11
C ALA C 19 -17.95 -18.25 -33.97
N THR C 20 -19.20 -17.81 -33.94
CA THR C 20 -19.61 -16.58 -34.63
C THR C 20 -20.11 -15.61 -33.60
N LEU C 21 -19.43 -14.47 -33.50
CA LEU C 21 -19.77 -13.45 -32.52
C LEU C 21 -20.25 -12.21 -33.26
N SER C 22 -21.30 -11.56 -32.75
CA SER C 22 -21.89 -10.42 -33.43
C SER C 22 -21.75 -9.15 -32.64
N CYS C 23 -21.50 -8.05 -33.34
CA CYS C 23 -21.54 -6.75 -32.71
C CYS C 23 -22.23 -5.80 -33.66
N MET C 24 -23.31 -5.21 -33.19
CA MET C 24 -24.06 -4.28 -34.00
C MET C 24 -23.92 -2.87 -33.38
N THR C 25 -23.69 -1.87 -34.24
CA THR C 25 -23.53 -0.49 -33.79
C THR C 25 -24.80 0.31 -34.04
N SER C 26 -25.05 1.33 -33.22
CA SER C 26 -26.28 2.12 -33.32
C SER C 26 -26.28 3.02 -34.55
N THR C 27 -25.10 3.36 -35.05
CA THR C 27 -24.98 4.18 -36.24
C THR C 27 -23.72 3.76 -37.00
N ASP C 28 -23.56 4.26 -38.23
CA ASP C 28 -22.42 3.94 -39.07
C ASP C 28 -21.11 4.34 -38.44
N ILE C 29 -20.08 3.51 -38.57
CA ILE C 29 -18.79 3.80 -37.95
C ILE C 29 -17.61 3.74 -38.95
N ASP C 30 -17.93 3.86 -40.23
CA ASP C 30 -16.91 3.93 -41.29
C ASP C 30 -15.94 2.76 -41.21
N ASP C 31 -16.48 1.56 -40.94
CA ASP C 31 -15.67 0.36 -40.77
C ASP C 31 -14.62 0.40 -39.63
N ASP C 32 -14.77 1.31 -38.67
CA ASP C 32 -13.78 1.42 -37.60
C ASP C 32 -14.07 0.47 -36.45
N MET C 33 -14.17 -0.83 -36.76
CA MET C 33 -14.53 -1.84 -35.77
C MET C 33 -13.28 -2.60 -35.32
N ASN C 34 -13.16 -2.83 -34.02
CA ASN C 34 -11.99 -3.48 -33.45
C ASN C 34 -12.44 -4.58 -32.50
N TRP C 35 -11.71 -5.68 -32.44
CA TRP C 35 -12.09 -6.78 -31.57
C TRP C 35 -10.96 -7.22 -30.65
N TYR C 36 -11.34 -7.50 -29.41
CA TYR C 36 -10.40 -7.85 -28.35
C TYR C 36 -10.75 -9.18 -27.70
N GLN C 37 -9.71 -9.91 -27.30
CA GLN C 37 -9.85 -11.12 -26.50
C GLN C 37 -9.33 -10.81 -25.11
N GLN C 38 -10.03 -11.28 -24.08
CA GLN C 38 -9.52 -11.13 -22.72
C GLN C 38 -9.75 -12.37 -21.89
N LYS C 39 -8.68 -12.85 -21.26
CA LYS C 39 -8.76 -13.99 -20.35
C LYS C 39 -8.72 -13.48 -18.90
N PRO C 40 -9.23 -14.29 -17.96
CA PRO C 40 -9.29 -13.89 -16.54
C PRO C 40 -7.96 -13.38 -15.98
N GLY C 41 -7.97 -12.16 -15.45
CA GLY C 41 -6.80 -11.58 -14.81
C GLY C 41 -5.73 -11.03 -15.74
N GLN C 42 -5.97 -11.10 -17.05
CA GLN C 42 -5.01 -10.60 -18.04
C GLN C 42 -5.54 -9.35 -18.75
N ALA C 43 -4.63 -8.61 -19.37
CA ALA C 43 -4.98 -7.45 -20.19
C ALA C 43 -5.60 -7.91 -21.52
N PRO C 44 -6.55 -7.14 -22.06
CA PRO C 44 -7.13 -7.43 -23.37
C PRO C 44 -6.08 -7.47 -24.48
N ARG C 45 -6.35 -8.28 -25.50
CA ARG C 45 -5.46 -8.43 -26.63
C ARG C 45 -6.22 -8.08 -27.90
N LEU C 46 -5.63 -7.23 -28.72
CA LEU C 46 -6.25 -6.79 -29.97
C LEU C 46 -6.12 -7.87 -31.04
N LEU C 47 -7.26 -8.31 -31.57
CA LEU C 47 -7.28 -9.35 -32.59
C LEU C 47 -7.49 -8.80 -34.01
N ILE C 48 -8.47 -7.91 -34.14
CA ILE C 48 -8.87 -7.32 -35.42
C ILE C 48 -8.96 -5.82 -35.22
N SER C 49 -8.37 -5.06 -36.14
CA SER C 49 -8.48 -3.60 -36.05
C SER C 49 -9.28 -3.07 -37.24
N GLU C 50 -9.48 -1.75 -37.25
CA GLU C 50 -10.29 -1.03 -38.25
C GLU C 50 -10.18 -1.62 -39.64
N GLY C 51 -11.32 -1.79 -40.31
CA GLY C 51 -11.33 -2.30 -41.67
C GLY C 51 -11.11 -3.80 -41.72
N ASN C 52 -11.54 -4.48 -40.65
CA ASN C 52 -11.46 -5.93 -40.56
C ASN C 52 -10.07 -6.48 -40.81
N THR C 53 -9.10 -5.83 -40.15
CA THR C 53 -7.68 -6.09 -40.34
C THR C 53 -7.14 -7.06 -39.28
N LEU C 54 -6.69 -8.22 -39.73
CA LEU C 54 -6.13 -9.21 -38.81
C LEU C 54 -4.78 -8.70 -38.30
N ARG C 55 -4.60 -8.67 -36.98
CA ARG C 55 -3.35 -8.21 -36.38
C ARG C 55 -2.22 -9.21 -36.65
N PRO C 56 -1.00 -8.70 -36.90
CA PRO C 56 0.18 -9.58 -37.03
C PRO C 56 0.33 -10.45 -35.79
N GLY C 57 0.55 -11.75 -35.98
CA GLY C 57 0.70 -12.65 -34.84
C GLY C 57 -0.55 -13.42 -34.47
N VAL C 58 -1.72 -12.85 -34.77
CA VAL C 58 -2.97 -13.53 -34.49
C VAL C 58 -3.24 -14.64 -35.50
N PRO C 59 -3.55 -15.86 -35.00
CA PRO C 59 -3.81 -17.02 -35.85
C PRO C 59 -4.86 -16.76 -36.93
N ALA C 60 -4.70 -17.36 -38.10
CA ALA C 60 -5.56 -17.10 -39.25
C ALA C 60 -6.99 -17.59 -39.04
N ARG C 61 -7.20 -18.40 -38.00
CA ARG C 61 -8.55 -18.88 -37.68
C ARG C 61 -9.49 -17.75 -37.22
N PHE C 62 -8.91 -16.61 -36.83
CA PHE C 62 -9.68 -15.41 -36.49
C PHE C 62 -9.89 -14.51 -37.71
N SER C 63 -11.09 -13.96 -37.85
CA SER C 63 -11.36 -13.04 -38.94
C SER C 63 -12.52 -12.13 -38.62
N GLY C 64 -12.38 -10.87 -38.99
CA GLY C 64 -13.45 -9.90 -38.82
C GLY C 64 -14.16 -9.75 -40.16
N SER C 65 -15.48 -9.58 -40.12
CA SER C 65 -16.26 -9.35 -41.35
C SER C 65 -17.42 -8.42 -41.03
N GLY C 66 -18.09 -7.90 -42.05
CA GLY C 66 -19.23 -7.05 -41.84
C GLY C 66 -18.96 -5.62 -42.27
N SER C 67 -20.01 -4.82 -42.27
CA SER C 67 -19.94 -3.44 -42.74
C SER C 67 -21.16 -2.70 -42.23
N GLY C 68 -21.19 -1.40 -42.48
CA GLY C 68 -22.28 -0.56 -42.01
C GLY C 68 -22.35 -0.55 -40.50
N THR C 69 -23.40 -1.17 -39.94
CA THR C 69 -23.54 -1.26 -38.49
C THR C 69 -23.43 -2.70 -38.04
N ASP C 70 -23.20 -3.59 -38.99
CA ASP C 70 -23.39 -5.03 -38.78
C ASP C 70 -22.07 -5.82 -38.85
N PHE C 71 -21.44 -6.07 -37.70
CA PHE C 71 -20.10 -6.67 -37.65
C PHE C 71 -20.07 -8.03 -36.99
N THR C 72 -19.11 -8.84 -37.40
CA THR C 72 -18.95 -10.21 -36.94
C THR C 72 -17.49 -10.56 -36.69
N LEU C 73 -17.23 -11.29 -35.60
CA LEU C 73 -15.93 -11.97 -35.42
C LEU C 73 -16.15 -13.47 -35.57
N THR C 74 -15.32 -14.13 -36.39
CA THR C 74 -15.41 -15.58 -36.54
C THR C 74 -14.14 -16.25 -36.05
N ILE C 75 -14.31 -17.33 -35.31
CA ILE C 75 -13.21 -18.22 -34.98
C ILE C 75 -13.56 -19.52 -35.68
N SER C 76 -12.89 -19.80 -36.78
CA SER C 76 -13.38 -20.85 -37.69
C SER C 76 -13.34 -22.23 -37.03
N SER C 77 -12.36 -22.43 -36.16
CA SER C 77 -12.28 -23.68 -35.41
C SER C 77 -11.63 -23.45 -34.04
N LEU C 78 -12.44 -23.56 -32.99
CA LEU C 78 -12.01 -23.25 -31.62
C LEU C 78 -10.87 -24.15 -31.08
N GLU C 79 -9.81 -23.50 -30.59
CA GLU C 79 -8.75 -24.19 -29.86
C GLU C 79 -8.99 -23.96 -28.37
N PRO C 80 -8.46 -24.87 -27.53
CA PRO C 80 -8.64 -24.71 -26.07
C PRO C 80 -8.31 -23.30 -25.57
N GLU C 81 -7.30 -22.66 -26.14
CA GLU C 81 -6.88 -21.34 -25.69
C GLU C 81 -7.77 -20.21 -26.19
N ASP C 82 -8.79 -20.54 -26.95
CA ASP C 82 -9.68 -19.51 -27.48
C ASP C 82 -10.87 -19.23 -26.58
N PHE C 83 -11.04 -20.05 -25.54
CA PHE C 83 -12.16 -19.86 -24.64
C PHE C 83 -11.89 -18.71 -23.69
N ALA C 84 -12.61 -17.62 -23.91
CA ALA C 84 -12.34 -16.35 -23.28
C ALA C 84 -13.53 -15.42 -23.45
N VAL C 85 -13.36 -14.17 -23.02
CA VAL C 85 -14.33 -13.12 -23.30
C VAL C 85 -13.84 -12.23 -24.43
N TYR C 86 -14.75 -11.85 -25.33
CA TYR C 86 -14.41 -11.01 -26.46
C TYR C 86 -15.21 -9.71 -26.43
N TYR C 87 -14.51 -8.60 -26.63
CA TYR C 87 -15.13 -7.28 -26.68
C TYR C 87 -14.91 -6.63 -28.05
N CYS C 88 -15.92 -5.92 -28.53
CA CYS C 88 -15.78 -5.07 -29.71
C CYS C 88 -15.62 -3.59 -29.28
N LEU C 89 -15.00 -2.79 -30.14
CA LEU C 89 -14.75 -1.37 -29.87
C LEU C 89 -14.92 -0.54 -31.14
N GLN C 90 -15.75 0.51 -31.12
CA GLN C 90 -15.74 1.44 -32.25
C GLN C 90 -14.70 2.53 -31.98
N SER C 91 -13.85 2.80 -32.97
CA SER C 91 -12.84 3.86 -32.85
C SER C 91 -13.12 4.98 -33.85
N PHE C 92 -14.38 5.07 -34.29
CA PHE C 92 -14.82 6.09 -35.24
C PHE C 92 -15.02 7.47 -34.62
N ASN C 93 -15.68 7.52 -33.46
CA ASN C 93 -15.98 8.76 -32.75
C ASN C 93 -15.61 8.67 -31.27
N VAL C 94 -15.27 9.80 -30.67
CA VAL C 94 -15.35 9.91 -29.22
C VAL C 94 -16.80 10.26 -28.85
N PRO C 95 -17.30 9.74 -27.72
CA PRO C 95 -16.58 8.82 -26.82
C PRO C 95 -16.33 7.45 -27.43
N LEU C 96 -15.13 6.90 -27.18
CA LEU C 96 -14.83 5.55 -27.66
C LEU C 96 -15.68 4.60 -26.84
N THR C 97 -16.38 3.69 -27.50
CA THR C 97 -17.35 2.84 -26.80
C THR C 97 -17.13 1.38 -27.16
N PHE C 98 -17.32 0.52 -26.16
CA PHE C 98 -17.09 -0.93 -26.27
C PHE C 98 -18.43 -1.65 -26.18
N GLY C 99 -18.50 -2.85 -26.75
CA GLY C 99 -19.63 -3.72 -26.50
C GLY C 99 -19.49 -4.28 -25.09
N GLN C 100 -20.57 -4.88 -24.58
CA GLN C 100 -20.56 -5.42 -23.23
C GLN C 100 -19.82 -6.75 -23.10
N GLY C 101 -19.42 -7.34 -24.21
CA GLY C 101 -18.66 -8.57 -24.18
C GLY C 101 -19.45 -9.84 -24.45
N THR C 102 -18.79 -10.82 -25.07
CA THR C 102 -19.36 -12.14 -25.29
C THR C 102 -18.43 -13.19 -24.69
N LYS C 103 -18.96 -14.06 -23.84
CA LYS C 103 -18.14 -15.13 -23.29
C LYS C 103 -18.25 -16.38 -24.18
N VAL C 104 -17.12 -16.84 -24.69
CA VAL C 104 -17.06 -18.13 -25.36
C VAL C 104 -16.71 -19.20 -24.33
N GLU C 105 -17.67 -20.08 -24.03
CA GLU C 105 -17.59 -21.03 -22.93
C GLU C 105 -17.59 -22.46 -23.46
N ILE C 106 -16.90 -23.35 -22.73
CA ILE C 106 -16.71 -24.72 -23.17
C ILE C 106 -17.94 -25.56 -22.89
N LYS C 107 -18.49 -26.12 -23.96
CA LYS C 107 -19.64 -27.00 -23.88
C LYS C 107 -19.18 -28.39 -23.45
N ARG C 108 -19.90 -28.97 -22.49
CA ARG C 108 -19.71 -30.36 -22.13
C ARG C 108 -21.07 -30.93 -21.76
N THR C 109 -21.09 -32.22 -21.44
CA THR C 109 -22.30 -32.89 -21.02
C THR C 109 -22.82 -32.34 -19.71
N VAL C 110 -24.14 -32.39 -19.54
CA VAL C 110 -24.80 -31.93 -18.33
C VAL C 110 -24.23 -32.65 -17.10
N ALA C 111 -23.96 -31.91 -16.03
CA ALA C 111 -23.58 -32.54 -14.77
C ALA C 111 -24.33 -31.89 -13.63
N ALA C 112 -25.07 -32.70 -12.87
CA ALA C 112 -25.80 -32.22 -11.70
C ALA C 112 -24.83 -31.74 -10.62
N PRO C 113 -25.23 -30.73 -9.86
CA PRO C 113 -24.36 -30.32 -8.74
C PRO C 113 -24.46 -31.27 -7.55
N SER C 114 -23.33 -31.50 -6.87
CA SER C 114 -23.39 -32.10 -5.54
C SER C 114 -23.67 -30.96 -4.58
N VAL C 115 -24.67 -31.10 -3.73
CA VAL C 115 -25.09 -29.98 -2.89
C VAL C 115 -24.73 -30.24 -1.44
N PHE C 116 -24.24 -29.23 -0.73
CA PHE C 116 -23.85 -29.37 0.67
C PHE C 116 -24.31 -28.14 1.41
N ILE C 117 -24.75 -28.31 2.66
CA ILE C 117 -25.12 -27.15 3.46
C ILE C 117 -24.25 -27.09 4.72
N PHE C 118 -23.86 -25.88 5.10
CA PHE C 118 -22.96 -25.67 6.22
C PHE C 118 -23.56 -24.70 7.25
N PRO C 119 -23.83 -25.17 8.47
CA PRO C 119 -24.36 -24.25 9.49
C PRO C 119 -23.27 -23.27 9.90
N PRO C 120 -23.64 -22.17 10.56
CA PRO C 120 -22.59 -21.26 11.06
C PRO C 120 -21.83 -21.91 12.20
N SER C 121 -20.53 -21.63 12.26
CA SER C 121 -19.67 -22.10 13.35
C SER C 121 -20.07 -21.44 14.67
N ASP C 122 -19.84 -22.11 15.80
CA ASP C 122 -20.08 -21.49 17.10
C ASP C 122 -19.29 -20.21 17.29
N SER C 123 -18.04 -20.19 16.78
CA SER C 123 -17.21 -19.00 16.96
C SER C 123 -17.83 -17.81 16.25
N GLN C 124 -18.38 -18.02 15.07
CA GLN C 124 -19.05 -16.91 14.38
C GLN C 124 -20.28 -16.42 15.15
N LEU C 125 -21.08 -17.36 15.64
CA LEU C 125 -22.31 -17.04 16.36
C LEU C 125 -22.01 -16.15 17.57
N LYS C 126 -20.95 -16.51 18.28
CA LYS C 126 -20.47 -15.75 19.44
C LYS C 126 -20.20 -14.29 19.08
N SER C 127 -19.79 -14.06 17.84
CA SER C 127 -19.42 -12.73 17.38
C SER C 127 -20.63 -11.89 17.01
N GLY C 128 -21.79 -12.52 16.86
CA GLY C 128 -23.03 -11.79 16.66
C GLY C 128 -23.69 -11.98 15.29
N THR C 129 -23.09 -12.80 14.45
CA THR C 129 -23.60 -13.00 13.10
C THR C 129 -23.61 -14.48 12.72
N ALA C 130 -24.57 -14.86 11.88
CA ALA C 130 -24.64 -16.21 11.36
C ALA C 130 -24.56 -16.16 9.85
N SER C 131 -23.61 -16.91 9.29
CA SER C 131 -23.57 -17.12 7.85
C SER C 131 -23.86 -18.60 7.58
N VAL C 132 -24.89 -18.87 6.79
CA VAL C 132 -25.17 -20.24 6.38
C VAL C 132 -24.71 -20.40 4.94
N VAL C 133 -23.98 -21.47 4.66
CA VAL C 133 -23.42 -21.61 3.32
C VAL C 133 -23.97 -22.83 2.56
N CYS C 134 -24.44 -22.58 1.35
CA CYS C 134 -24.85 -23.65 0.44
C CYS C 134 -23.86 -23.77 -0.72
N LEU C 135 -23.30 -24.95 -0.89
CA LEU C 135 -22.33 -25.22 -1.94
C LEU C 135 -22.92 -26.13 -3.03
N LEU C 136 -22.82 -25.70 -4.28
CA LEU C 136 -23.16 -26.52 -5.45
C LEU C 136 -21.84 -26.84 -6.15
N ASN C 137 -21.45 -28.10 -6.18
CA ASN C 137 -20.11 -28.44 -6.63
C ASN C 137 -20.06 -29.12 -8.00
N ASN C 138 -19.26 -28.60 -8.91
CA ASN C 138 -18.95 -29.27 -10.18
C ASN C 138 -20.17 -29.55 -11.03
N PHE C 139 -20.88 -28.50 -11.43
CA PHE C 139 -22.06 -28.70 -12.29
C PHE C 139 -21.90 -28.03 -13.66
N TYR C 140 -22.74 -28.43 -14.60
CA TYR C 140 -22.82 -27.81 -15.91
C TYR C 140 -24.19 -28.16 -16.51
N PRO C 141 -24.85 -27.20 -17.17
CA PRO C 141 -24.40 -25.84 -17.47
C PRO C 141 -24.46 -24.90 -16.28
N ARG C 142 -24.04 -23.67 -16.52
CA ARG C 142 -23.91 -22.64 -15.50
C ARG C 142 -25.24 -22.26 -14.82
N GLU C 143 -26.35 -22.30 -15.56
CA GLU C 143 -27.64 -21.87 -15.03
C GLU C 143 -28.05 -22.71 -13.82
N ALA C 144 -28.39 -22.06 -12.73
CA ALA C 144 -28.78 -22.76 -11.51
C ALA C 144 -29.51 -21.82 -10.57
N LYS C 145 -30.59 -22.30 -9.98
CA LYS C 145 -31.38 -21.53 -9.03
C LYS C 145 -31.18 -22.09 -7.62
N VAL C 146 -30.91 -21.19 -6.67
CA VAL C 146 -30.75 -21.58 -5.28
C VAL C 146 -31.68 -20.74 -4.41
N GLN C 147 -32.61 -21.37 -3.73
CA GLN C 147 -33.54 -20.66 -2.86
C GLN C 147 -33.33 -21.06 -1.40
N TRP C 148 -33.47 -20.09 -0.51
CA TRP C 148 -33.30 -20.33 0.92
C TRP C 148 -34.64 -20.35 1.63
N LYS C 149 -34.87 -21.40 2.42
CA LYS C 149 -36.06 -21.45 3.24
C LYS C 149 -35.67 -21.53 4.72
N VAL C 150 -36.29 -20.66 5.51
CA VAL C 150 -36.06 -20.66 6.96
C VAL C 150 -37.41 -20.94 7.63
N ASP C 151 -37.52 -22.13 8.22
CA ASP C 151 -38.81 -22.65 8.68
C ASP C 151 -39.83 -22.61 7.53
N ASN C 152 -39.43 -23.19 6.41
CA ASN C 152 -40.25 -23.29 5.19
C ASN C 152 -40.67 -21.93 4.59
N ALA C 153 -40.12 -20.85 5.12
CA ALA C 153 -40.39 -19.51 4.60
C ALA C 153 -39.28 -19.05 3.64
N LEU C 154 -39.65 -18.80 2.39
CA LEU C 154 -38.69 -18.37 1.38
C LEU C 154 -38.06 -17.02 1.71
N GLN C 155 -36.73 -16.94 1.55
CA GLN C 155 -35.97 -15.74 1.87
C GLN C 155 -35.72 -14.91 0.64
N SER C 156 -35.61 -13.59 0.82
CA SER C 156 -35.14 -12.72 -0.25
C SER C 156 -34.37 -11.54 0.31
N GLY C 157 -33.31 -11.15 -0.40
CA GLY C 157 -32.56 -9.97 -0.04
C GLY C 157 -31.42 -10.17 0.93
N ASN C 158 -31.27 -11.38 1.49
CA ASN C 158 -30.28 -11.63 2.53
C ASN C 158 -29.25 -12.72 2.17
N SER C 159 -29.08 -12.96 0.87
CA SER C 159 -28.09 -13.93 0.39
C SER C 159 -27.29 -13.39 -0.80
N GLN C 160 -26.07 -13.89 -0.95
CA GLN C 160 -25.21 -13.55 -2.07
C GLN C 160 -24.67 -14.82 -2.71
N GLU C 161 -24.59 -14.84 -4.04
CA GLU C 161 -23.99 -15.96 -4.76
C GLU C 161 -22.62 -15.60 -5.32
N SER C 162 -21.73 -16.59 -5.40
CA SER C 162 -20.46 -16.41 -6.06
C SER C 162 -20.17 -17.69 -6.86
N VAL C 163 -19.57 -17.55 -8.05
CA VAL C 163 -19.33 -18.70 -8.93
C VAL C 163 -17.86 -18.71 -9.38
N THR C 164 -17.28 -19.90 -9.52
CA THR C 164 -15.93 -20.04 -10.06
C THR C 164 -15.91 -19.94 -11.58
N GLU C 165 -14.72 -19.77 -12.16
CA GLU C 165 -14.56 -19.92 -13.61
C GLU C 165 -14.67 -21.41 -13.95
N GLN C 166 -14.91 -21.72 -15.23
CA GLN C 166 -14.95 -23.12 -15.67
C GLN C 166 -13.67 -23.83 -15.29
N ASP C 167 -13.80 -25.02 -14.71
CA ASP C 167 -12.63 -25.76 -14.26
C ASP C 167 -11.71 -26.12 -15.44
N SER C 168 -10.40 -26.06 -15.20
CA SER C 168 -9.41 -26.31 -16.24
C SER C 168 -9.39 -27.77 -16.68
N LYS C 169 -9.92 -28.65 -15.84
CA LYS C 169 -9.88 -30.09 -16.10
C LYS C 169 -11.20 -30.68 -16.57
N ASP C 170 -12.29 -30.33 -15.88
CA ASP C 170 -13.58 -30.92 -16.20
C ASP C 170 -14.63 -29.95 -16.76
N SER C 171 -14.26 -28.68 -16.87
CA SER C 171 -15.11 -27.66 -17.47
C SER C 171 -16.43 -27.43 -16.72
N THR C 172 -16.49 -27.80 -15.46
CA THR C 172 -17.68 -27.52 -14.65
C THR C 172 -17.56 -26.22 -13.84
N TYR C 173 -18.69 -25.81 -13.28
CA TYR C 173 -18.76 -24.67 -12.37
C TYR C 173 -18.98 -25.14 -10.95
N SER C 174 -18.58 -24.30 -10.00
CA SER C 174 -19.05 -24.49 -8.64
C SER C 174 -19.57 -23.15 -8.16
N LEU C 175 -20.46 -23.19 -7.18
CA LEU C 175 -21.16 -21.99 -6.76
C LEU C 175 -21.43 -22.03 -5.26
N SER C 176 -21.24 -20.92 -4.58
CA SER C 176 -21.68 -20.81 -3.21
C SER C 176 -22.85 -19.84 -3.10
N SER C 177 -23.80 -20.14 -2.22
CA SER C 177 -24.82 -19.18 -1.83
C SER C 177 -24.70 -19.02 -0.33
N THR C 178 -24.55 -17.79 0.13
CA THR C 178 -24.37 -17.52 1.55
C THR C 178 -25.54 -16.72 2.10
N LEU C 179 -26.23 -17.30 3.07
CA LEU C 179 -27.30 -16.59 3.76
C LEU C 179 -26.77 -15.94 5.05
N THR C 180 -27.01 -14.64 5.21
CA THR C 180 -26.47 -13.88 6.33
C THR C 180 -27.56 -13.31 7.24
N LEU C 181 -27.51 -13.68 8.51
CA LEU C 181 -28.49 -13.20 9.48
C LEU C 181 -27.74 -12.71 10.71
N SER C 182 -28.45 -11.99 11.57
CA SER C 182 -27.92 -11.64 12.88
C SER C 182 -28.05 -12.87 13.77
N LYS C 183 -27.26 -12.90 14.84
CA LYS C 183 -27.33 -13.99 15.80
C LYS C 183 -28.76 -14.14 16.31
N ALA C 184 -29.36 -13.01 16.68
CA ALA C 184 -30.72 -12.99 17.21
C ALA C 184 -31.76 -13.57 16.24
N ASP C 185 -31.68 -13.17 14.98
CA ASP C 185 -32.57 -13.71 13.95
C ASP C 185 -32.36 -15.19 13.72
N TYR C 186 -31.08 -15.58 13.66
CA TYR C 186 -30.74 -16.97 13.43
C TYR C 186 -31.36 -17.87 14.50
N GLU C 187 -31.31 -17.42 15.75
CA GLU C 187 -31.80 -18.24 16.85
C GLU C 187 -33.32 -18.20 17.02
N LYS C 188 -33.99 -17.40 16.20
CA LYS C 188 -35.45 -17.35 16.21
C LYS C 188 -36.08 -18.35 15.24
N HIS C 189 -35.26 -19.23 14.67
CA HIS C 189 -35.77 -20.26 13.77
C HIS C 189 -35.05 -21.58 13.92
N LYS C 190 -35.71 -22.66 13.49
CA LYS C 190 -35.19 -24.01 13.65
C LYS C 190 -34.65 -24.59 12.35
N VAL C 191 -35.47 -24.60 11.30
CA VAL C 191 -35.08 -25.30 10.08
C VAL C 191 -34.46 -24.39 9.04
N TYR C 192 -33.24 -24.72 8.64
CA TYR C 192 -32.52 -23.96 7.63
C TYR C 192 -32.26 -24.82 6.41
N ALA C 193 -32.65 -24.31 5.25
CA ALA C 193 -32.68 -25.15 4.05
C ALA C 193 -32.35 -24.42 2.75
N CYS C 194 -31.52 -25.05 1.94
CA CYS C 194 -31.21 -24.53 0.62
CA CYS C 194 -31.14 -24.56 0.63
C CYS C 194 -31.73 -25.49 -0.44
N GLU C 195 -32.50 -24.95 -1.37
CA GLU C 195 -33.14 -25.74 -2.42
C GLU C 195 -32.57 -25.40 -3.80
N VAL C 196 -32.04 -26.40 -4.48
CA VAL C 196 -31.30 -26.16 -5.72
C VAL C 196 -32.06 -26.73 -6.89
N THR C 197 -32.18 -25.93 -7.94
CA THR C 197 -32.80 -26.38 -9.18
C THR C 197 -31.76 -26.31 -10.27
N HIS C 198 -31.65 -27.37 -11.04
CA HIS C 198 -30.62 -27.45 -12.07
C HIS C 198 -31.05 -28.50 -13.10
N GLN C 199 -30.67 -28.26 -14.35
CA GLN C 199 -31.05 -29.15 -15.44
C GLN C 199 -30.66 -30.60 -15.18
N GLY C 200 -29.54 -30.78 -14.46
CA GLY C 200 -29.04 -32.10 -14.11
C GLY C 200 -29.82 -32.84 -13.05
N LEU C 201 -30.68 -32.14 -12.32
CA LEU C 201 -31.46 -32.75 -11.26
C LEU C 201 -32.86 -33.05 -11.73
N SER C 202 -33.37 -34.25 -11.45
CA SER C 202 -34.71 -34.61 -11.94
C SER C 202 -35.81 -33.79 -11.25
N SER C 203 -35.52 -33.30 -10.04
CA SER C 203 -36.41 -32.40 -9.31
C SER C 203 -35.54 -31.66 -8.27
N PRO C 204 -36.04 -30.53 -7.72
CA PRO C 204 -35.18 -29.72 -6.84
C PRO C 204 -34.62 -30.47 -5.65
N VAL C 205 -33.33 -30.27 -5.37
CA VAL C 205 -32.67 -30.92 -4.25
C VAL C 205 -32.60 -30.00 -3.06
N THR C 206 -33.07 -30.47 -1.92
CA THR C 206 -33.04 -29.67 -0.71
C THR C 206 -32.05 -30.25 0.30
N LYS C 207 -31.09 -29.45 0.73
CA LYS C 207 -30.27 -29.84 1.88
C LYS C 207 -30.66 -28.95 3.04
N SER C 208 -30.71 -29.52 4.24
CA SER C 208 -31.21 -28.78 5.39
C SER C 208 -30.64 -29.28 6.70
N PHE C 209 -30.77 -28.45 7.74
CA PHE C 209 -30.37 -28.84 9.09
C PHE C 209 -31.28 -28.14 10.09
N ASN C 210 -31.36 -28.70 11.29
CA ASN C 210 -32.08 -28.07 12.38
C ASN C 210 -31.04 -27.40 13.27
N ARG C 211 -31.21 -26.11 13.50
CA ARG C 211 -30.29 -25.31 14.29
C ARG C 211 -29.92 -25.98 15.61
N GLY C 212 -28.62 -26.17 15.82
CA GLY C 212 -28.11 -26.68 17.08
C GLY C 212 -28.17 -28.18 17.22
N GLU C 213 -28.38 -28.88 16.11
CA GLU C 213 -28.31 -30.33 16.13
C GLU C 213 -26.96 -30.80 15.59
N CYS C 214 -26.44 -31.89 16.15
CA CYS C 214 -25.10 -32.35 15.84
C CYS C 214 -24.95 -32.69 14.34
N GLU D 4 9.84 -4.90 -28.31
CA GLU D 4 10.28 -4.55 -26.96
C GLU D 4 9.34 -3.52 -26.34
N VAL D 5 8.19 -3.30 -26.96
CA VAL D 5 7.20 -2.35 -26.46
C VAL D 5 6.69 -2.74 -25.09
N GLN D 6 6.63 -1.78 -24.17
CA GLN D 6 6.09 -2.04 -22.86
C GLN D 6 5.42 -0.80 -22.26
N LEU D 7 4.30 -1.01 -21.59
CA LEU D 7 3.63 0.03 -20.82
C LEU D 7 3.58 -0.45 -19.38
N VAL D 8 4.05 0.39 -18.47
CA VAL D 8 4.05 0.03 -17.05
C VAL D 8 3.35 1.09 -16.22
N GLU D 9 2.16 0.76 -15.72
CA GLU D 9 1.41 1.69 -14.86
C GLU D 9 1.89 1.61 -13.42
N SER D 10 1.75 2.73 -12.70
CA SER D 10 1.97 2.76 -11.27
C SER D 10 1.10 3.88 -10.67
N GLY D 11 1.05 3.96 -9.35
CA GLY D 11 0.28 5.02 -8.69
C GLY D 11 -1.06 4.58 -8.12
N GLY D 12 -1.54 3.42 -8.53
CA GLY D 12 -2.82 2.94 -8.03
C GLY D 12 -2.76 2.64 -6.55
N GLY D 13 -3.91 2.49 -5.91
CA GLY D 13 -3.97 2.14 -4.50
C GLY D 13 -5.33 2.39 -3.87
N LEU D 14 -5.37 2.35 -2.53
CA LEU D 14 -6.57 2.66 -1.78
C LEU D 14 -6.71 4.16 -1.66
N VAL D 15 -7.94 4.64 -1.69
CA VAL D 15 -8.20 6.07 -1.46
C VAL D 15 -9.65 6.22 -0.96
N GLN D 16 -9.92 7.24 -0.18
CA GLN D 16 -11.29 7.49 0.25
C GLN D 16 -12.10 8.26 -0.81
N PRO D 17 -13.44 8.11 -0.79
CA PRO D 17 -14.28 8.94 -1.65
C PRO D 17 -13.97 10.42 -1.43
N GLY D 18 -13.92 11.17 -2.53
CA GLY D 18 -13.56 12.57 -2.48
C GLY D 18 -12.05 12.78 -2.58
N GLY D 19 -11.31 11.67 -2.49
CA GLY D 19 -9.87 11.73 -2.49
C GLY D 19 -9.26 11.80 -3.89
N SER D 20 -7.94 11.83 -3.94
CA SER D 20 -7.26 12.01 -5.22
C SER D 20 -6.06 11.05 -5.36
N LEU D 21 -5.72 10.71 -6.60
CA LEU D 21 -4.58 9.86 -6.92
C LEU D 21 -4.05 10.30 -8.27
N ARG D 22 -2.74 10.11 -8.49
CA ARG D 22 -2.18 10.30 -9.80
C ARG D 22 -1.60 8.98 -10.28
N LEU D 23 -2.08 8.52 -11.44
CA LEU D 23 -1.53 7.33 -12.10
C LEU D 23 -0.46 7.75 -13.10
N SER D 24 0.60 6.95 -13.20
CA SER D 24 1.66 7.17 -14.18
C SER D 24 1.80 5.94 -15.07
N CYS D 25 2.21 6.14 -16.31
CA CYS D 25 2.50 5.01 -17.19
C CYS D 25 3.78 5.33 -17.95
N VAL D 26 4.83 4.55 -17.70
CA VAL D 26 6.12 4.74 -18.36
C VAL D 26 6.27 3.79 -19.55
N THR D 27 6.54 4.34 -20.73
CA THR D 27 6.54 3.56 -21.96
C THR D 27 7.95 3.38 -22.49
N SER D 28 8.19 2.28 -23.17
CA SER D 28 9.50 2.02 -23.76
C SER D 28 9.37 1.09 -24.95
N GLY D 29 10.30 1.20 -25.89
CA GLY D 29 10.31 0.31 -27.03
C GLY D 29 9.70 0.92 -28.27
N PHE D 30 9.25 2.17 -28.16
CA PHE D 30 8.70 2.88 -29.31
C PHE D 30 8.88 4.39 -29.16
N THR D 31 8.69 5.13 -30.25
CA THR D 31 8.80 6.58 -30.20
C THR D 31 7.52 7.18 -29.61
N PHE D 32 7.54 7.38 -28.30
CA PHE D 32 6.36 7.82 -27.55
C PHE D 32 5.63 9.02 -28.15
N ARG D 33 6.38 10.04 -28.56
CA ARG D 33 5.77 11.27 -29.06
C ARG D 33 4.99 11.10 -30.38
N LYS D 34 5.14 9.96 -31.03
CA LYS D 34 4.42 9.74 -32.29
C LYS D 34 3.08 9.02 -32.15
N PHE D 35 2.70 8.66 -30.93
CA PHE D 35 1.46 7.91 -30.71
C PHE D 35 0.48 8.62 -29.79
N GLY D 36 -0.82 8.52 -30.09
CA GLY D 36 -1.84 8.92 -29.15
C GLY D 36 -1.87 7.86 -28.05
N MET D 37 -2.44 8.18 -26.90
CA MET D 37 -2.50 7.25 -25.77
C MET D 37 -3.85 7.40 -25.07
N SER D 38 -4.30 6.33 -24.44
CA SER D 38 -5.55 6.37 -23.71
C SER D 38 -5.46 5.64 -22.38
N TRP D 39 -6.40 5.95 -21.49
CA TRP D 39 -6.64 5.11 -20.33
C TRP D 39 -7.97 4.41 -20.56
N VAL D 40 -8.00 3.11 -20.34
CA VAL D 40 -9.22 2.31 -20.34
C VAL D 40 -9.29 1.68 -18.95
N ARG D 41 -10.48 1.56 -18.38
CA ARG D 41 -10.61 0.91 -17.08
C ARG D 41 -11.59 -0.25 -17.10
N GLN D 42 -11.54 -1.06 -16.06
CA GLN D 42 -12.41 -2.22 -15.92
C GLN D 42 -12.78 -2.46 -14.46
N ALA D 43 -14.03 -2.14 -14.12
CA ALA D 43 -14.57 -2.38 -12.79
C ALA D 43 -14.63 -3.87 -12.50
N PRO D 44 -14.51 -4.26 -11.22
CA PRO D 44 -14.47 -5.69 -10.87
C PRO D 44 -15.68 -6.45 -11.43
N GLY D 45 -15.41 -7.53 -12.16
CA GLY D 45 -16.47 -8.31 -12.76
C GLY D 45 -17.22 -7.66 -13.91
N LYS D 46 -16.76 -6.50 -14.37
CA LYS D 46 -17.45 -5.77 -15.44
C LYS D 46 -16.63 -5.69 -16.73
N GLY D 47 -17.16 -4.94 -17.71
CA GLY D 47 -16.49 -4.87 -19.00
C GLY D 47 -15.48 -3.73 -19.13
N LEU D 48 -14.99 -3.54 -20.35
CA LEU D 48 -14.05 -2.46 -20.62
C LEU D 48 -14.76 -1.12 -20.80
N GLU D 49 -14.16 -0.06 -20.31
CA GLU D 49 -14.73 1.28 -20.40
C GLU D 49 -13.64 2.32 -20.65
N TRP D 50 -13.77 3.05 -21.75
CA TRP D 50 -12.82 4.13 -22.07
C TRP D 50 -12.91 5.29 -21.07
N VAL D 51 -11.76 5.78 -20.63
CA VAL D 51 -11.70 6.89 -19.68
C VAL D 51 -11.32 8.22 -20.37
N ALA D 52 -10.17 8.23 -21.06
CA ALA D 52 -9.70 9.46 -21.69
C ALA D 52 -8.59 9.17 -22.72
N SER D 53 -8.45 10.06 -23.70
CA SER D 53 -7.39 9.95 -24.71
C SER D 53 -6.67 11.29 -24.87
N ILE D 54 -5.44 11.24 -25.39
CA ILE D 54 -4.63 12.45 -25.55
C ILE D 54 -3.83 12.37 -26.84
N VAL D 55 -3.69 13.50 -27.53
CA VAL D 55 -2.96 13.54 -28.79
C VAL D 55 -1.46 13.46 -28.57
N THR D 56 -0.74 13.18 -29.64
CA THR D 56 0.72 13.05 -29.60
C THR D 56 1.41 14.16 -28.81
N GLY D 57 1.10 15.41 -29.13
CA GLY D 57 1.73 16.55 -28.50
C GLY D 57 1.28 16.83 -27.08
N GLY D 58 0.09 16.40 -26.72
CA GLY D 58 -0.36 16.55 -25.35
C GLY D 58 -1.23 17.77 -25.07
N ARG D 59 -1.55 18.55 -26.10
CA ARG D 59 -2.30 19.78 -25.88
C ARG D 59 -3.79 19.63 -26.12
N LYS D 60 -4.22 18.45 -26.57
CA LYS D 60 -5.64 18.20 -26.80
C LYS D 60 -6.02 16.83 -26.21
N THR D 61 -7.18 16.80 -25.53
CA THR D 61 -7.61 15.64 -24.75
C THR D 61 -9.12 15.38 -24.90
N TYR D 62 -9.54 14.13 -24.67
CA TYR D 62 -10.96 13.79 -24.73
C TYR D 62 -11.30 12.94 -23.52
N TYR D 63 -12.50 13.10 -22.97
CA TYR D 63 -12.91 12.41 -21.75
C TYR D 63 -14.27 11.76 -21.86
N SER D 64 -14.44 10.65 -21.16
CA SER D 64 -15.78 10.08 -21.01
CA SER D 64 -15.76 10.07 -21.00
C SER D 64 -16.57 11.01 -20.11
N ASP D 65 -17.88 11.06 -20.33
CA ASP D 65 -18.76 11.87 -19.51
C ASP D 65 -18.70 11.51 -18.02
N SER D 66 -18.45 10.24 -17.71
CA SER D 66 -18.36 9.80 -16.34
C SER D 66 -17.20 10.40 -15.57
N VAL D 67 -16.13 10.82 -16.24
CA VAL D 67 -14.99 11.34 -15.50
C VAL D 67 -14.65 12.79 -15.84
N LYS D 68 -15.33 13.35 -16.84
CA LYS D 68 -15.01 14.72 -17.24
C LYS D 68 -15.18 15.71 -16.09
N GLY D 69 -14.20 16.58 -15.92
CA GLY D 69 -14.24 17.56 -14.85
C GLY D 69 -13.62 17.06 -13.55
N ARG D 70 -13.43 15.74 -13.45
CA ARG D 70 -12.81 15.12 -12.28
C ARG D 70 -11.43 14.52 -12.58
N PHE D 71 -11.23 13.99 -13.79
CA PHE D 71 -9.94 13.40 -14.14
C PHE D 71 -9.23 14.29 -15.16
N THR D 72 -7.90 14.23 -15.17
CA THR D 72 -7.16 14.96 -16.15
C THR D 72 -6.07 14.09 -16.72
N ILE D 73 -6.12 13.86 -18.03
CA ILE D 73 -5.06 13.11 -18.71
C ILE D 73 -3.99 14.10 -19.21
N SER D 74 -2.72 13.73 -19.06
CA SER D 74 -1.63 14.59 -19.52
C SER D 74 -0.43 13.70 -19.87
N ARG D 75 0.58 14.28 -20.53
CA ARG D 75 1.75 13.50 -20.88
C ARG D 75 3.01 14.35 -20.84
N ASP D 76 4.12 13.69 -20.56
CA ASP D 76 5.43 14.34 -20.57
C ASP D 76 6.29 13.60 -21.57
N ASN D 77 6.37 14.14 -22.78
CA ASN D 77 7.07 13.45 -23.85
C ASN D 77 8.58 13.32 -23.63
N SER D 78 9.15 14.16 -22.77
CA SER D 78 10.58 14.09 -22.49
C SER D 78 10.84 12.97 -21.50
N LYS D 79 9.76 12.44 -20.92
CA LYS D 79 9.88 11.34 -19.96
C LYS D 79 9.21 10.04 -20.42
N ASN D 80 8.68 10.04 -21.63
CA ASN D 80 7.95 8.88 -22.17
C ASN D 80 6.84 8.44 -21.24
N THR D 81 6.22 9.40 -20.57
CA THR D 81 5.30 9.09 -19.48
C THR D 81 3.92 9.69 -19.71
N LEU D 82 2.91 8.87 -19.44
CA LEU D 82 1.50 9.26 -19.49
C LEU D 82 0.96 9.33 -18.06
N TYR D 83 0.09 10.31 -17.80
CA TYR D 83 -0.47 10.51 -16.46
C TYR D 83 -1.99 10.52 -16.49
N LEU D 84 -2.60 10.05 -15.41
CA LEU D 84 -4.02 10.29 -15.19
C LEU D 84 -4.18 10.82 -13.77
N GLN D 85 -4.49 12.09 -13.66
CA GLN D 85 -4.73 12.71 -12.36
C GLN D 85 -6.20 12.52 -12.06
N MET D 86 -6.50 11.87 -10.93
CA MET D 86 -7.87 11.58 -10.57
C MET D 86 -8.27 12.34 -9.31
N ASN D 87 -9.23 13.24 -9.43
CA ASN D 87 -9.71 14.04 -8.29
C ASN D 87 -11.17 13.68 -7.97
N SER D 88 -11.66 14.05 -6.78
CA SER D 88 -13.09 13.86 -6.47
CA SER D 88 -13.07 13.84 -6.44
C SER D 88 -13.52 12.40 -6.73
N LEU D 89 -12.75 11.44 -6.26
CA LEU D 89 -12.99 10.02 -6.60
C LEU D 89 -14.26 9.46 -5.98
N ARG D 90 -14.89 8.54 -6.71
CA ARG D 90 -16.16 7.95 -6.32
C ARG D 90 -15.95 6.46 -6.18
N ALA D 91 -16.74 5.83 -5.31
CA ALA D 91 -16.77 4.38 -5.20
C ALA D 91 -16.78 3.70 -6.58
N GLU D 92 -17.65 4.16 -7.46
CA GLU D 92 -17.75 3.52 -8.78
C GLU D 92 -16.56 3.79 -9.73
N ASP D 93 -15.57 4.58 -9.27
CA ASP D 93 -14.30 4.67 -10.01
C ASP D 93 -13.36 3.50 -9.74
N THR D 94 -13.76 2.65 -8.80
CA THR D 94 -12.96 1.46 -8.45
C THR D 94 -12.87 0.55 -9.68
N ALA D 95 -11.64 0.24 -10.08
CA ALA D 95 -11.39 -0.45 -11.32
C ALA D 95 -9.91 -0.72 -11.50
N VAL D 96 -9.57 -1.65 -12.39
CA VAL D 96 -8.22 -1.72 -12.90
C VAL D 96 -8.11 -0.69 -14.02
N TYR D 97 -7.06 0.14 -13.97
CA TYR D 97 -6.82 1.17 -14.98
C TYR D 97 -5.70 0.75 -15.89
N TYR D 98 -5.97 0.71 -17.20
CA TYR D 98 -4.97 0.35 -18.18
C TYR D 98 -4.46 1.55 -18.95
N CYS D 99 -3.15 1.65 -19.06
CA CYS D 99 -2.50 2.56 -20.00
C CYS D 99 -2.55 1.83 -21.35
N THR D 100 -2.85 2.55 -22.45
CA THR D 100 -2.92 1.90 -23.76
C THR D 100 -2.39 2.81 -24.86
N ARG D 101 -1.85 2.19 -25.91
CA ARG D 101 -1.32 2.95 -27.05
C ARG D 101 -2.28 2.92 -28.24
N GLY D 102 -2.56 4.08 -28.83
CA GLY D 102 -3.32 4.13 -30.07
C GLY D 102 -2.47 3.52 -31.19
N TYR D 103 -3.06 2.59 -31.93
CA TYR D 103 -2.30 1.74 -32.85
C TYR D 103 -1.84 2.43 -34.14
N SER D 104 -2.44 3.56 -34.48
CA SER D 104 -2.12 4.22 -35.74
C SER D 104 -2.05 5.71 -35.50
N SER D 105 -1.59 6.46 -36.49
CA SER D 105 -1.44 7.90 -36.34
C SER D 105 -2.77 8.64 -36.37
N THR D 106 -3.84 7.93 -36.72
CA THR D 106 -5.15 8.56 -36.83
C THR D 106 -6.22 7.91 -35.95
N SER D 107 -5.84 6.92 -35.16
CA SER D 107 -6.82 6.18 -34.36
C SER D 107 -6.36 5.90 -32.93
N TYR D 108 -7.28 5.96 -31.98
CA TYR D 108 -7.00 5.59 -30.59
C TYR D 108 -7.28 4.12 -30.29
N ALA D 109 -7.71 3.34 -31.28
CA ALA D 109 -7.94 1.91 -31.06
C ALA D 109 -6.68 1.33 -30.47
N MET D 110 -6.82 0.65 -29.33
CA MET D 110 -5.67 0.29 -28.51
C MET D 110 -4.97 -0.99 -29.00
N ASP D 111 -3.68 -0.91 -29.33
CA ASP D 111 -2.95 -2.13 -29.60
C ASP D 111 -2.20 -2.68 -28.38
N TYR D 112 -1.34 -1.88 -27.79
CA TYR D 112 -0.61 -2.33 -26.61
C TYR D 112 -1.30 -1.87 -25.35
N TRP D 113 -1.31 -2.76 -24.35
CA TRP D 113 -1.93 -2.50 -23.05
C TRP D 113 -0.92 -2.77 -21.94
N GLY D 114 -0.92 -1.93 -20.92
CA GLY D 114 -0.15 -2.21 -19.72
C GLY D 114 -0.78 -3.36 -18.96
N GLN D 115 -0.11 -3.82 -17.90
CA GLN D 115 -0.65 -4.88 -17.05
C GLN D 115 -1.85 -4.37 -16.25
N GLY D 116 -1.99 -3.05 -16.21
CA GLY D 116 -3.07 -2.41 -15.48
C GLY D 116 -2.70 -2.09 -14.04
N THR D 117 -3.24 -0.99 -13.51
CA THR D 117 -3.02 -0.67 -12.10
C THR D 117 -4.39 -0.55 -11.38
N LEU D 118 -4.51 -1.21 -10.24
CA LEU D 118 -5.77 -1.24 -9.52
C LEU D 118 -6.01 -0.03 -8.62
N VAL D 119 -7.15 0.63 -8.80
CA VAL D 119 -7.56 1.75 -7.95
C VAL D 119 -8.81 1.36 -7.15
N THR D 120 -8.72 1.44 -5.83
CA THR D 120 -9.85 1.07 -4.97
C THR D 120 -10.38 2.27 -4.16
N VAL D 121 -11.61 2.67 -4.42
CA VAL D 121 -12.17 3.83 -3.72
C VAL D 121 -13.22 3.41 -2.70
N SER D 122 -12.96 3.71 -1.44
CA SER D 122 -13.81 3.18 -0.37
C SER D 122 -13.53 3.91 0.93
N SER D 123 -14.57 4.04 1.76
CA SER D 123 -14.40 4.62 3.09
C SER D 123 -14.03 3.57 4.13
N ALA D 124 -14.03 2.29 3.74
CA ALA D 124 -13.73 1.22 4.69
C ALA D 124 -12.28 1.27 5.16
N SER D 125 -12.04 0.87 6.40
CA SER D 125 -10.70 0.77 6.98
CA SER D 125 -10.68 0.79 6.92
C SER D 125 -10.13 -0.60 6.72
N THR D 126 -8.82 -0.68 6.51
CA THR D 126 -8.13 -1.96 6.38
C THR D 126 -8.45 -2.87 7.57
N LYS D 127 -8.77 -4.12 7.27
CA LYS D 127 -9.18 -5.08 8.28
C LYS D 127 -8.87 -6.51 7.83
N GLY D 128 -8.23 -7.29 8.69
CA GLY D 128 -7.97 -8.69 8.36
C GLY D 128 -9.22 -9.56 8.54
N PRO D 129 -9.30 -10.71 7.83
CA PRO D 129 -10.52 -11.52 7.87
C PRO D 129 -10.66 -12.32 9.16
N SER D 130 -11.90 -12.63 9.53
CA SER D 130 -12.14 -13.70 10.48
C SER D 130 -12.31 -14.95 9.63
N VAL D 131 -11.77 -16.06 10.08
CA VAL D 131 -11.86 -17.28 9.29
C VAL D 131 -12.63 -18.32 10.07
N PHE D 132 -13.71 -18.83 9.48
CA PHE D 132 -14.56 -19.80 10.17
C PHE D 132 -14.62 -21.12 9.42
N PRO D 133 -14.73 -22.25 10.16
CA PRO D 133 -14.80 -23.54 9.49
C PRO D 133 -16.14 -23.73 8.79
N LEU D 134 -16.10 -24.34 7.62
CA LEU D 134 -17.27 -24.94 7.01
C LEU D 134 -17.05 -26.42 7.24
N ALA D 135 -17.62 -26.92 8.32
CA ALA D 135 -17.25 -28.25 8.82
C ALA D 135 -17.90 -29.34 7.99
N PRO D 136 -17.15 -30.43 7.72
CA PRO D 136 -17.72 -31.56 6.99
C PRO D 136 -18.86 -32.21 7.76
N SER D 137 -19.91 -32.61 7.05
CA SER D 137 -21.09 -33.19 7.68
C SER D 137 -20.72 -34.52 8.30
N SER D 138 -21.40 -34.87 9.38
CA SER D 138 -21.22 -36.19 9.96
C SER D 138 -22.12 -37.19 9.23
N LYS D 139 -21.52 -37.91 8.28
CA LYS D 139 -22.22 -38.89 7.46
C LYS D 139 -23.40 -38.28 6.70
N GLY D 143 -17.55 -44.14 3.21
CA GLY D 143 -16.68 -44.43 2.08
C GLY D 143 -16.97 -43.62 0.81
N GLY D 144 -17.53 -42.44 0.98
CA GLY D 144 -17.76 -41.54 -0.16
C GLY D 144 -16.86 -40.32 -0.10
N THR D 145 -17.44 -39.18 -0.50
CA THR D 145 -16.74 -37.91 -0.60
C THR D 145 -17.41 -36.90 0.32
N ALA D 146 -16.60 -36.13 1.06
CA ALA D 146 -17.13 -35.08 1.90
C ALA D 146 -16.66 -33.73 1.40
N ALA D 147 -17.46 -32.70 1.66
CA ALA D 147 -17.04 -31.33 1.36
C ALA D 147 -16.77 -30.57 2.66
N LEU D 148 -15.74 -29.74 2.64
CA LEU D 148 -15.44 -28.91 3.80
C LEU D 148 -14.81 -27.62 3.28
N GLY D 149 -14.68 -26.62 4.14
CA GLY D 149 -14.00 -25.41 3.68
C GLY D 149 -13.79 -24.40 4.77
N CYS D 150 -13.46 -23.17 4.35
CA CYS D 150 -13.30 -22.05 5.25
CA CYS D 150 -13.41 -22.08 5.29
C CYS D 150 -14.07 -20.83 4.73
N LEU D 151 -14.76 -20.16 5.63
CA LEU D 151 -15.41 -18.91 5.31
C LEU D 151 -14.45 -17.81 5.76
N VAL D 152 -14.05 -16.97 4.81
CA VAL D 152 -13.07 -15.92 5.04
C VAL D 152 -13.84 -14.60 4.99
N LYS D 153 -14.17 -14.09 6.16
CA LYS D 153 -15.21 -13.06 6.26
C LYS D 153 -14.73 -11.71 6.75
N ASP D 154 -15.29 -10.66 6.17
CA ASP D 154 -15.17 -9.30 6.67
C ASP D 154 -13.74 -8.74 6.60
N TYR D 155 -13.13 -8.77 5.42
CA TYR D 155 -11.80 -8.18 5.28
C TYR D 155 -11.83 -7.06 4.25
N PHE D 156 -10.78 -6.23 4.30
CA PHE D 156 -10.62 -5.11 3.37
C PHE D 156 -9.17 -4.64 3.39
N PRO D 157 -8.60 -4.31 2.21
CA PRO D 157 -9.15 -4.44 0.87
C PRO D 157 -8.83 -5.81 0.31
N GLU D 158 -9.08 -6.02 -0.97
CA GLU D 158 -8.59 -7.22 -1.65
C GLU D 158 -7.07 -7.09 -1.79
N PRO D 159 -6.35 -8.21 -1.94
CA PRO D 159 -6.83 -9.60 -1.94
C PRO D 159 -6.42 -10.36 -0.69
N VAL D 160 -6.97 -11.57 -0.54
CA VAL D 160 -6.45 -12.55 0.39
C VAL D 160 -5.95 -13.69 -0.49
N THR D 161 -5.07 -14.52 0.07
CA THR D 161 -4.68 -15.74 -0.60
C THR D 161 -5.09 -16.87 0.33
N VAL D 162 -5.60 -17.95 -0.25
CA VAL D 162 -5.97 -19.12 0.53
C VAL D 162 -5.25 -20.32 -0.09
N SER D 163 -4.59 -21.12 0.75
CA SER D 163 -4.12 -22.41 0.28
C SER D 163 -4.60 -23.44 1.31
N TRP D 164 -4.48 -24.73 0.98
CA TRP D 164 -4.83 -25.81 1.87
C TRP D 164 -3.61 -26.65 2.17
N ASN D 165 -3.42 -26.99 3.44
CA ASN D 165 -2.29 -27.81 3.86
C ASN D 165 -0.98 -27.27 3.29
N SER D 166 -0.84 -25.95 3.41
CA SER D 166 0.36 -25.24 3.02
C SER D 166 0.71 -25.48 1.56
N GLY D 167 -0.31 -25.65 0.73
CA GLY D 167 -0.13 -25.85 -0.69
C GLY D 167 0.03 -27.30 -1.12
N ALA D 168 0.09 -28.21 -0.16
CA ALA D 168 0.14 -29.63 -0.52
C ALA D 168 -1.18 -30.10 -1.12
N LEU D 169 -2.28 -29.44 -0.76
CA LEU D 169 -3.59 -29.89 -1.21
C LEU D 169 -4.17 -28.92 -2.22
N THR D 170 -4.27 -29.35 -3.48
CA THR D 170 -4.74 -28.47 -4.55
C THR D 170 -5.91 -29.09 -5.31
N SER D 171 -5.90 -30.41 -5.41
CA SER D 171 -6.94 -31.09 -6.18
C SER D 171 -8.32 -30.98 -5.52
N GLY D 172 -9.30 -30.53 -6.29
CA GLY D 172 -10.65 -30.37 -5.77
C GLY D 172 -10.93 -29.10 -4.98
N VAL D 173 -9.95 -28.22 -4.89
CA VAL D 173 -10.13 -26.95 -4.21
C VAL D 173 -10.87 -25.96 -5.10
N HIS D 174 -11.87 -25.29 -4.54
CA HIS D 174 -12.49 -24.15 -5.21
C HIS D 174 -12.48 -22.96 -4.25
N THR D 175 -11.78 -21.91 -4.62
CA THR D 175 -11.81 -20.68 -3.84
C THR D 175 -12.62 -19.63 -4.60
N PHE D 176 -13.78 -19.28 -4.05
CA PHE D 176 -14.70 -18.39 -4.77
C PHE D 176 -14.21 -16.96 -4.86
N PRO D 177 -14.68 -16.22 -5.89
CA PRO D 177 -14.41 -14.79 -5.99
C PRO D 177 -15.01 -14.11 -4.76
N ALA D 178 -14.33 -13.08 -4.27
CA ALA D 178 -14.82 -12.30 -3.16
C ALA D 178 -16.11 -11.57 -3.54
N VAL D 179 -16.97 -11.41 -2.57
CA VAL D 179 -18.15 -10.58 -2.73
C VAL D 179 -18.04 -9.37 -1.84
N LEU D 180 -18.31 -8.20 -2.40
CA LEU D 180 -18.31 -6.97 -1.62
C LEU D 180 -19.64 -6.88 -0.88
N GLN D 181 -19.58 -6.84 0.44
CA GLN D 181 -20.78 -6.79 1.27
C GLN D 181 -21.25 -5.35 1.40
N SER D 182 -22.48 -5.15 1.87
CA SER D 182 -23.03 -3.80 2.03
C SER D 182 -22.28 -2.99 3.10
N SER D 183 -21.60 -3.69 4.00
CA SER D 183 -20.74 -3.06 4.99
C SER D 183 -19.47 -2.43 4.39
N GLY D 184 -19.18 -2.74 3.12
CA GLY D 184 -17.95 -2.30 2.50
C GLY D 184 -16.80 -3.29 2.71
N LEU D 185 -17.07 -4.38 3.43
CA LEU D 185 -16.06 -5.43 3.61
C LEU D 185 -16.28 -6.59 2.64
N TYR D 186 -15.22 -7.33 2.35
CA TYR D 186 -15.30 -8.47 1.46
C TYR D 186 -15.45 -9.77 2.24
N SER D 187 -16.03 -10.76 1.56
CA SER D 187 -16.12 -12.11 2.08
CA SER D 187 -16.08 -12.11 2.09
C SER D 187 -15.99 -13.13 0.94
N LEU D 188 -15.44 -14.30 1.25
CA LEU D 188 -15.41 -15.40 0.29
C LEU D 188 -15.27 -16.70 1.08
N SER D 189 -15.59 -17.81 0.41
CA SER D 189 -15.36 -19.13 0.97
C SER D 189 -14.42 -19.90 0.05
N SER D 190 -13.66 -20.82 0.63
CA SER D 190 -12.83 -21.74 -0.11
C SER D 190 -13.22 -23.13 0.37
N VAL D 191 -13.45 -24.04 -0.57
CA VAL D 191 -13.94 -25.37 -0.25
C VAL D 191 -13.07 -26.43 -0.93
N VAL D 192 -13.18 -27.66 -0.46
CA VAL D 192 -12.44 -28.76 -1.05
C VAL D 192 -13.23 -30.02 -0.77
N THR D 193 -13.20 -30.95 -1.72
CA THR D 193 -13.78 -32.26 -1.49
C THR D 193 -12.69 -33.28 -1.19
N VAL D 194 -12.94 -34.13 -0.21
CA VAL D 194 -11.93 -35.07 0.29
C VAL D 194 -12.60 -36.44 0.53
N PRO D 195 -11.79 -37.52 0.63
CA PRO D 195 -12.44 -38.80 0.93
C PRO D 195 -13.05 -38.82 2.33
N SER D 196 -14.30 -39.24 2.46
CA SER D 196 -14.95 -39.34 3.77
C SER D 196 -14.12 -40.13 4.79
N SER D 197 -13.49 -41.21 4.32
CA SER D 197 -12.76 -42.12 5.19
C SER D 197 -11.46 -41.51 5.76
N SER D 198 -11.07 -40.35 5.25
CA SER D 198 -9.87 -39.70 5.77
C SER D 198 -10.19 -38.79 6.96
N LEU D 199 -11.47 -38.42 7.12
CA LEU D 199 -11.85 -37.43 8.12
C LEU D 199 -11.54 -37.97 9.52
N GLY D 200 -11.00 -37.12 10.38
CA GLY D 200 -10.67 -37.54 11.74
C GLY D 200 -9.26 -38.11 11.88
N THR D 201 -8.59 -38.31 10.75
CA THR D 201 -7.20 -38.76 10.77
C THR D 201 -6.29 -37.78 10.00
N GLN D 202 -6.58 -37.58 8.72
CA GLN D 202 -5.93 -36.55 7.93
C GLN D 202 -6.42 -35.18 8.43
N THR D 203 -5.54 -34.18 8.39
CA THR D 203 -5.98 -32.82 8.68
C THR D 203 -6.15 -31.97 7.42
N TYR D 204 -7.04 -30.99 7.51
CA TYR D 204 -7.35 -30.08 6.42
C TYR D 204 -7.29 -28.65 6.97
N ILE D 205 -6.25 -27.92 6.60
CA ILE D 205 -5.98 -26.61 7.21
C ILE D 205 -5.97 -25.56 6.13
N CYS D 206 -6.84 -24.55 6.22
CA CYS D 206 -6.78 -23.47 5.25
C CYS D 206 -5.83 -22.40 5.75
N ASN D 207 -4.92 -22.00 4.89
CA ASN D 207 -3.94 -20.97 5.25
C ASN D 207 -4.38 -19.71 4.56
N VAL D 208 -4.79 -18.71 5.34
CA VAL D 208 -5.32 -17.48 4.79
C VAL D 208 -4.36 -16.32 5.08
N ASN D 209 -3.80 -15.70 4.04
CA ASN D 209 -2.89 -14.56 4.21
C ASN D 209 -3.56 -13.28 3.69
N HIS D 210 -3.51 -12.22 4.50
CA HIS D 210 -3.99 -10.91 4.06
C HIS D 210 -2.90 -9.88 4.32
N LYS D 211 -2.08 -9.61 3.31
CA LYS D 211 -0.95 -8.68 3.49
C LYS D 211 -1.32 -7.25 3.98
N PRO D 212 -2.40 -6.64 3.47
CA PRO D 212 -2.69 -5.26 3.91
C PRO D 212 -2.88 -5.07 5.42
N SER D 213 -3.35 -6.10 6.13
CA SER D 213 -3.60 -5.98 7.55
C SER D 213 -2.44 -6.59 8.35
N ASN D 214 -1.47 -7.19 7.65
CA ASN D 214 -0.40 -7.95 8.29
C ASN D 214 -0.93 -9.14 9.13
N THR D 215 -1.96 -9.82 8.62
CA THR D 215 -2.51 -10.96 9.35
C THR D 215 -2.44 -12.26 8.52
N LYS D 216 -2.32 -13.38 9.22
CA LYS D 216 -2.24 -14.70 8.62
C LYS D 216 -3.00 -15.58 9.59
N VAL D 217 -3.86 -16.44 9.07
CA VAL D 217 -4.64 -17.34 9.90
C VAL D 217 -4.53 -18.74 9.30
N ASP D 218 -4.28 -19.74 10.15
CA ASP D 218 -4.38 -21.13 9.73
C ASP D 218 -5.56 -21.70 10.51
N LYS D 219 -6.51 -22.30 9.81
CA LYS D 219 -7.68 -22.83 10.49
C LYS D 219 -7.77 -24.30 10.17
N LYS D 220 -7.67 -25.15 11.19
CA LYS D 220 -7.85 -26.59 11.01
C LYS D 220 -9.35 -26.88 11.01
N VAL D 221 -9.82 -27.52 9.95
CA VAL D 221 -11.26 -27.74 9.80
C VAL D 221 -11.55 -29.18 10.12
N GLU D 222 -12.40 -29.40 11.12
CA GLU D 222 -12.74 -30.76 11.56
C GLU D 222 -14.25 -30.95 11.64
N PRO D 223 -14.72 -32.21 11.57
CA PRO D 223 -16.15 -32.44 11.85
C PRO D 223 -16.51 -31.86 13.23
N LYS D 224 -17.74 -31.37 13.40
CA LYS D 224 -18.11 -30.72 14.65
C LYS D 224 -18.41 -31.72 15.78
N SER D 225 -18.02 -31.35 17.00
CA SER D 225 -18.18 -32.16 18.22
C SER D 225 -17.24 -33.37 18.26
N GLY E 5 -14.88 11.17 -38.93
CA GLY E 5 -14.49 11.08 -37.53
C GLY E 5 -14.53 12.42 -36.82
N ASN E 6 -14.64 12.37 -35.49
CA ASN E 6 -14.73 13.59 -34.69
C ASN E 6 -13.56 13.83 -33.73
N TYR E 7 -12.42 13.22 -34.01
CA TYR E 7 -11.24 13.42 -33.15
C TYR E 7 -9.91 13.34 -33.90
N VAL E 8 -8.87 13.96 -33.34
CA VAL E 8 -7.52 13.84 -33.90
C VAL E 8 -6.62 13.05 -32.96
N VAL E 9 -5.56 12.49 -33.52
CA VAL E 9 -4.62 11.68 -32.75
C VAL E 9 -3.22 12.29 -32.84
N THR E 10 -2.75 12.53 -34.06
CA THR E 10 -1.48 13.21 -34.25
C THR E 10 -1.73 14.71 -34.28
N PTR E 11 -1.34 15.40 -33.21
CA PTR E 11 -1.60 16.83 -33.08
C PTR E 11 -0.47 17.43 -32.33
O PTR E 11 -0.32 17.16 -31.15
CB PTR E 11 -2.88 17.18 -32.35
CG PTR E 11 -3.45 18.59 -32.53
CD1 PTR E 11 -3.24 19.61 -31.58
CD2 PTR E 11 -4.20 18.86 -33.67
CE1 PTR E 11 -3.78 20.89 -31.79
CE2 PTR E 11 -4.74 20.12 -33.87
CZ PTR E 11 -4.54 21.15 -32.94
OH PTR E 11 -5.08 22.36 -33.22
P PTR E 11 -5.50 23.40 -32.15
O1P PTR E 11 -4.25 24.07 -31.57
O2P PTR E 11 -6.34 24.46 -32.83
O3P PTR E 11 -6.30 22.74 -31.06
N ALA E 12 0.35 18.23 -33.01
CA ALA E 12 1.44 18.93 -32.36
C ALA E 12 0.90 20.14 -31.61
O1 PG4 F . 20.07 14.50 15.84
C1 PG4 F . 21.00 13.61 16.34
C2 PG4 F . 22.32 14.24 16.63
O2 PG4 F . 23.27 13.92 15.66
C3 PG4 F . 24.05 12.78 15.74
C4 PG4 F . 24.80 12.62 14.46
O3 PG4 F . 24.59 11.37 13.90
C5 PG4 F . 23.46 11.14 13.16
C6 PG4 F . 23.47 9.86 12.41
O4 PG4 F . 22.36 9.11 12.76
C7 PG4 F . 21.13 9.73 12.84
C8 PG4 F . 20.56 9.88 11.47
O5 PG4 F . 19.81 11.05 11.35
O1 PG4 G . -18.62 -8.53 -17.41
C1 PG4 G . -17.56 -9.20 -18.00
C2 PG4 G . -17.86 -9.44 -19.45
O2 PG4 G . -19.06 -10.12 -19.55
C3 PG4 G . -19.50 -10.55 -20.78
C4 PG4 G . -20.84 -11.20 -20.60
O3 PG4 G . -20.66 -12.54 -20.36
C5 PG4 G . -21.61 -13.24 -19.64
C6 PG4 G . -20.94 -14.36 -18.89
O4 PG4 G . -20.80 -14.05 -17.55
C7 PG4 G . -19.92 -14.77 -16.79
C8 PG4 G . -19.97 -14.34 -15.36
O5 PG4 G . -18.83 -14.80 -14.71
#